data_5M0J
#
_entry.id   5M0J
#
_cell.length_a   219.030
_cell.length_b   58.980
_cell.length_c   144.680
_cell.angle_alpha   90.00
_cell.angle_beta   126.91
_cell.angle_gamma   90.00
#
_symmetry.space_group_name_H-M   'C 1 2 1'
#
loop_
_entity.id
_entity.type
_entity.pdbx_description
1 polymer 'SWI5-dependent HO expression protein 2,SWI5-dependent HO expression protein 3'
2 polymer 'ASH1 E3 (28 nt-loop)'
3 non-polymer 'MAGNESIUM ION'
4 water water
#
loop_
_entity_poly.entity_id
_entity_poly.type
_entity_poly.pdbx_seq_one_letter_code
_entity_poly.pdbx_strand_id
1 'polypeptide(L)'
;GPDIKVTPGTSELVEQILALLSRYLSSYIHVLNKFISHLRRVATLRFERTTLIKFVKKLRFYNDSVLSYNASEFINEGKN
ELDPEADSFDKVILPIASMFVKSVETFDLLNYYLTQSLQKEILSKTLNEDLTLTAESILAIDDTYNHFVKFSQWMIESLR
IGSNLLDLEVVQFAIKSADEDGTNIGETDNIFLQEILPVNSEEEFQTLSAAWHSILDGKLSALDEEFDVVATKWHDKFGK
LKNGGSGGGGSGGSSNGNSSNNKRRSFYTASPLLSSGSIPKSASPVLPGVKRTASVRKPSSSSSKTNVTHNNDPSTSPTI
SVPPGVTR
;
D,C,B,A,J,G,H,I
2 'polyribonucleotide' GAUAACUGAAUCGAAAGACAUUAUCACG E,F
#
loop_
_chem_comp.id
_chem_comp.type
_chem_comp.name
_chem_comp.formula
A RNA linking ADENOSINE-5'-MONOPHOSPHATE 'C10 H14 N5 O7 P'
C RNA linking CYTIDINE-5'-MONOPHOSPHATE 'C9 H14 N3 O8 P'
G RNA linking GUANOSINE-5'-MONOPHOSPHATE 'C10 H14 N5 O8 P'
MG non-polymer 'MAGNESIUM ION' 'Mg 2'
U RNA linking URIDINE-5'-MONOPHOSPHATE 'C9 H13 N2 O9 P'
#
# COMPACT_ATOMS: atom_id res chain seq x y z
N ASP A 3 48.34 -7.95 -37.43
CA ASP A 3 48.00 -8.80 -36.23
C ASP A 3 46.54 -8.57 -35.85
N ILE A 4 45.73 -9.56 -36.20
CA ILE A 4 44.24 -9.61 -36.21
C ILE A 4 43.45 -8.44 -36.94
N LYS A 5 43.08 -8.68 -38.22
CA LYS A 5 42.54 -7.63 -39.11
C LYS A 5 41.11 -7.90 -39.61
N VAL A 6 40.41 -6.81 -39.92
CA VAL A 6 39.04 -6.85 -40.48
C VAL A 6 38.96 -7.46 -41.89
N THR A 7 37.78 -7.96 -42.26
CA THR A 7 37.48 -8.43 -43.61
C THR A 7 36.18 -7.74 -44.04
N PRO A 8 35.78 -7.93 -45.31
CA PRO A 8 34.43 -7.42 -45.67
C PRO A 8 33.26 -8.13 -44.96
N GLY A 9 33.43 -9.43 -44.67
CA GLY A 9 32.47 -10.19 -43.85
C GLY A 9 32.30 -9.80 -42.38
N THR A 10 33.19 -8.96 -41.84
CA THR A 10 33.17 -8.54 -40.43
C THR A 10 31.91 -7.77 -40.07
N SER A 11 31.50 -6.88 -40.96
CA SER A 11 30.28 -6.09 -40.79
C SER A 11 29.07 -6.97 -40.40
N GLU A 12 28.84 -8.05 -41.13
CA GLU A 12 27.70 -8.94 -40.87
C GLU A 12 27.85 -9.75 -39.57
N LEU A 13 29.08 -10.07 -39.18
CA LEU A 13 29.35 -10.78 -37.92
C LEU A 13 28.95 -9.96 -36.70
N VAL A 14 29.25 -8.67 -36.74
CA VAL A 14 28.81 -7.72 -35.71
C VAL A 14 27.28 -7.62 -35.68
N GLU A 15 26.66 -7.39 -36.83
CA GLU A 15 25.21 -7.27 -36.92
C GLU A 15 24.54 -8.52 -36.34
N GLN A 16 25.11 -9.69 -36.60
CA GLN A 16 24.54 -10.95 -36.09
C GLN A 16 24.64 -11.09 -34.57
N ILE A 17 25.78 -10.66 -34.01
CA ILE A 17 25.97 -10.65 -32.57
C ILE A 17 24.93 -9.70 -31.93
N LEU A 18 24.86 -8.48 -32.45
CA LEU A 18 23.92 -7.49 -31.95
C LEU A 18 22.47 -7.96 -32.03
N ALA A 19 22.14 -8.79 -33.01
CA ALA A 19 20.78 -9.26 -33.18
C ALA A 19 20.37 -10.15 -32.01
N LEU A 20 21.31 -10.97 -31.50
CA LEU A 20 21.06 -11.74 -30.27
C LEU A 20 20.68 -10.85 -29.10
N LEU A 21 21.48 -9.80 -28.89
CA LEU A 21 21.25 -8.85 -27.81
C LEU A 21 19.87 -8.24 -27.95
N SER A 22 19.48 -7.90 -29.19
CA SER A 22 18.16 -7.37 -29.45
C SER A 22 17.07 -8.38 -29.15
N ARG A 23 17.31 -9.66 -29.46
CA ARG A 23 16.34 -10.70 -29.16
C ARG A 23 16.16 -10.89 -27.64
N TYR A 24 17.27 -10.87 -26.91
CA TYR A 24 17.30 -10.94 -25.44
C TYR A 24 16.50 -9.76 -24.85
N LEU A 25 16.81 -8.53 -25.32
CA LEU A 25 16.12 -7.34 -24.84
C LEU A 25 14.65 -7.38 -25.15
N SER A 26 14.32 -7.81 -26.36
CA SER A 26 12.94 -7.84 -26.83
C SER A 26 12.08 -8.87 -26.09
N SER A 27 12.62 -10.05 -25.77
CA SER A 27 11.88 -11.02 -24.97
C SER A 27 11.39 -10.41 -23.67
N TYR A 28 12.29 -9.70 -22.98
CA TYR A 28 11.96 -9.03 -21.71
C TYR A 28 10.94 -7.93 -21.91
N ILE A 29 11.16 -7.09 -22.92
CA ILE A 29 10.25 -6.00 -23.15
C ILE A 29 8.80 -6.49 -23.38
N HIS A 30 8.65 -7.58 -24.12
N HIS A 30 8.65 -7.58 -24.13
CA HIS A 30 7.34 -8.14 -24.46
CA HIS A 30 7.33 -8.09 -24.46
C HIS A 30 6.62 -8.57 -23.19
C HIS A 30 6.61 -8.58 -23.20
N VAL A 31 7.28 -9.42 -22.41
CA VAL A 31 6.67 -10.01 -21.20
C VAL A 31 6.44 -8.95 -20.11
N LEU A 32 7.35 -7.98 -20.01
CA LEU A 32 7.19 -6.90 -19.07
C LEU A 32 6.05 -5.96 -19.45
N ASN A 33 5.87 -5.71 -20.75
CA ASN A 33 4.73 -4.90 -21.20
C ASN A 33 3.41 -5.51 -20.77
N LYS A 34 3.34 -6.83 -20.86
CA LYS A 34 2.16 -7.55 -20.42
C LYS A 34 1.99 -7.44 -18.94
N PHE A 35 3.07 -7.69 -18.21
CA PHE A 35 3.00 -7.69 -16.75
C PHE A 35 2.59 -6.31 -16.26
N ILE A 36 3.21 -5.26 -16.81
CA ILE A 36 2.90 -3.87 -16.41
C ILE A 36 1.42 -3.56 -16.59
N SER A 37 0.85 -4.08 -17.66
CA SER A 37 -0.57 -3.95 -17.90
C SER A 37 -1.47 -4.64 -16.85
N HIS A 38 -1.14 -5.89 -16.54
CA HIS A 38 -1.89 -6.63 -15.52
C HIS A 38 -1.80 -5.90 -14.19
N LEU A 39 -0.61 -5.43 -13.84
CA LEU A 39 -0.39 -4.70 -12.61
C LEU A 39 -1.17 -3.42 -12.47
N ARG A 40 -1.58 -2.83 -13.59
CA ARG A 40 -2.42 -1.65 -13.54
C ARG A 40 -3.69 -1.90 -12.73
N ARG A 41 -4.16 -3.15 -12.65
CA ARG A 41 -5.40 -3.48 -11.88
C ARG A 41 -5.18 -3.78 -10.44
N VAL A 42 -3.94 -3.79 -9.96
CA VAL A 42 -3.63 -4.07 -8.56
C VAL A 42 -3.15 -2.80 -7.84
N ALA A 43 -4.02 -2.23 -7.02
CA ALA A 43 -3.77 -0.92 -6.38
C ALA A 43 -2.52 -0.92 -5.48
N THR A 44 -2.30 -2.02 -4.77
CA THR A 44 -1.18 -2.12 -3.84
C THR A 44 0.19 -2.26 -4.52
N LEU A 45 0.22 -2.55 -5.83
CA LEU A 45 1.46 -2.68 -6.56
C LEU A 45 1.75 -1.51 -7.48
N ARG A 46 1.11 -0.39 -7.21
N ARG A 46 1.11 -0.39 -7.21
CA ARG A 46 1.19 0.80 -8.06
CA ARG A 46 1.20 0.80 -8.07
C ARG A 46 2.62 1.32 -8.25
C ARG A 46 2.62 1.32 -8.25
N PHE A 47 3.41 1.37 -7.18
CA PHE A 47 4.77 1.93 -7.28
C PHE A 47 5.79 0.92 -7.79
N GLU A 48 5.57 -0.36 -7.48
CA GLU A 48 6.40 -1.41 -8.06
C GLU A 48 6.28 -1.39 -9.60
N ARG A 49 5.06 -1.16 -10.05
CA ARG A 49 4.77 -1.03 -11.44
C ARG A 49 5.58 0.08 -12.05
N THR A 50 5.64 1.25 -11.41
CA THR A 50 6.42 2.34 -11.97
C THR A 50 7.92 2.03 -12.01
N THR A 51 8.42 1.28 -11.02
CA THR A 51 9.79 0.82 -11.06
C THR A 51 10.04 -0.07 -12.29
N LEU A 52 9.15 -1.03 -12.53
CA LEU A 52 9.23 -1.85 -13.74
C LEU A 52 9.21 -1.05 -15.04
N ILE A 53 8.36 -0.04 -15.09
CA ILE A 53 8.32 0.81 -16.27
C ILE A 53 9.70 1.42 -16.44
N LYS A 54 10.33 1.91 -15.37
CA LYS A 54 11.62 2.55 -15.50
C LYS A 54 12.65 1.58 -16.10
N PHE A 55 12.63 0.36 -15.60
CA PHE A 55 13.50 -0.67 -16.16
C PHE A 55 13.16 -0.94 -17.62
N VAL A 56 11.89 -1.14 -17.94
CA VAL A 56 11.55 -1.56 -19.30
C VAL A 56 11.88 -0.48 -20.31
N LYS A 57 11.75 0.79 -19.91
CA LYS A 57 12.20 1.90 -20.73
C LYS A 57 13.67 1.84 -21.06
N LYS A 58 14.49 1.49 -20.07
CA LYS A 58 15.93 1.37 -20.26
C LYS A 58 16.26 0.25 -21.26
N LEU A 59 15.63 -0.91 -21.10
CA LEU A 59 15.80 -1.99 -22.07
C LEU A 59 15.37 -1.59 -23.47
N ARG A 60 14.21 -0.96 -23.56
CA ARG A 60 13.66 -0.48 -24.84
C ARG A 60 14.65 0.47 -25.54
N PHE A 61 15.30 1.34 -24.77
CA PHE A 61 16.25 2.28 -25.31
C PHE A 61 17.50 1.55 -25.84
N TYR A 62 18.01 0.60 -25.06
CA TYR A 62 19.12 -0.23 -25.51
C TYR A 62 18.75 -1.00 -26.79
N ASN A 63 17.51 -1.49 -26.85
CA ASN A 63 17.05 -2.14 -28.05
C ASN A 63 16.98 -1.20 -29.27
N ASP A 64 16.45 0.02 -29.13
CA ASP A 64 16.43 0.95 -30.27
C ASP A 64 17.85 1.30 -30.67
N SER A 65 18.69 1.54 -29.66
CA SER A 65 20.09 1.84 -29.93
C SER A 65 20.72 0.74 -30.79
N VAL A 66 20.61 -0.51 -30.33
CA VAL A 66 21.16 -1.67 -31.04
C VAL A 66 20.56 -1.85 -32.45
N LEU A 67 19.23 -1.82 -32.57
CA LEU A 67 18.58 -1.95 -33.88
C LEU A 67 18.95 -0.84 -34.89
N SER A 68 19.15 0.41 -34.43
CA SER A 68 19.51 1.52 -35.30
C SER A 68 21.06 1.63 -35.57
N TYR A 69 21.88 0.82 -34.89
CA TYR A 69 23.33 0.80 -35.13
C TYR A 69 23.62 0.16 -36.47
N ASN A 70 24.18 0.96 -37.37
CA ASN A 70 24.68 0.48 -38.64
C ASN A 70 26.18 0.18 -38.49
N ALA A 71 26.51 -1.11 -38.44
CA ALA A 71 27.88 -1.56 -38.12
C ALA A 71 28.93 -1.07 -39.12
N SER A 72 28.59 -1.16 -40.41
CA SER A 72 29.45 -0.72 -41.51
C SER A 72 29.92 0.75 -41.39
N GLU A 73 29.07 1.63 -40.85
CA GLU A 73 29.45 3.04 -40.59
C GLU A 73 30.59 3.21 -39.58
N PHE A 74 30.97 2.14 -38.86
CA PHE A 74 32.03 2.22 -37.82
C PHE A 74 33.18 1.26 -38.08
N ILE A 75 33.18 0.61 -39.23
CA ILE A 75 34.21 -0.36 -39.57
C ILE A 75 34.88 0.14 -40.85
N ASN A 76 36.14 0.57 -40.73
CA ASN A 76 36.98 0.86 -41.87
C ASN A 76 37.61 -0.42 -42.44
N GLU A 77 36.98 -0.92 -43.51
CA GLU A 77 37.40 -2.15 -44.18
C GLU A 77 38.75 -1.76 -44.73
N GLY A 78 38.85 -0.61 -45.42
CA GLY A 78 40.17 -0.08 -45.86
C GLY A 78 40.34 -0.14 -47.38
N LYS A 79 41.49 0.27 -47.93
CA LYS A 79 41.70 0.20 -49.40
C LYS A 79 41.89 -1.29 -49.81
N ASN A 80 40.75 -2.00 -49.80
CA ASN A 80 40.66 -3.40 -49.36
C ASN A 80 41.81 -4.00 -48.48
N GLU A 81 42.16 -5.28 -48.68
CA GLU A 81 42.93 -6.08 -47.70
C GLU A 81 44.45 -5.79 -47.74
N LEU A 82 44.78 -4.53 -47.41
CA LEU A 82 46.11 -3.94 -47.51
C LEU A 82 46.53 -3.39 -46.16
N ASP A 83 46.08 -2.17 -45.87
CA ASP A 83 46.88 -1.18 -45.19
C ASP A 83 46.75 -1.12 -43.65
N PRO A 84 47.77 -0.55 -42.99
CA PRO A 84 47.63 -0.15 -41.58
C PRO A 84 46.54 0.91 -41.28
N GLU A 85 45.92 1.49 -42.31
CA GLU A 85 44.76 2.35 -42.12
C GLU A 85 43.47 1.56 -41.76
N ALA A 86 43.33 0.35 -42.30
CA ALA A 86 42.20 -0.53 -41.97
C ALA A 86 42.17 -0.87 -40.48
N ASP A 87 40.97 -1.11 -39.97
CA ASP A 87 40.75 -1.29 -38.54
C ASP A 87 41.19 -2.67 -38.00
N SER A 88 41.69 -2.68 -36.76
CA SER A 88 41.91 -3.93 -36.04
C SER A 88 40.58 -4.54 -35.66
N PHE A 89 40.50 -5.86 -35.68
CA PHE A 89 39.31 -6.59 -35.24
C PHE A 89 38.99 -6.30 -33.76
N ASP A 90 40.04 -6.30 -32.92
CA ASP A 90 40.04 -5.72 -31.58
C ASP A 90 39.17 -4.47 -31.48
N LYS A 91 39.57 -3.42 -32.19
CA LYS A 91 38.94 -2.12 -32.11
C LYS A 91 37.45 -2.21 -32.40
N VAL A 92 37.08 -3.12 -33.30
CA VAL A 92 35.72 -3.24 -33.78
C VAL A 92 34.81 -4.00 -32.84
N ILE A 93 35.31 -5.10 -32.29
CA ILE A 93 34.57 -5.88 -31.29
C ILE A 93 34.42 -5.13 -29.97
N LEU A 94 35.43 -4.35 -29.58
CA LEU A 94 35.43 -3.67 -28.29
C LEU A 94 34.13 -2.96 -27.91
N PRO A 95 33.63 -2.04 -28.74
CA PRO A 95 32.35 -1.40 -28.36
C PRO A 95 31.15 -2.32 -28.40
N ILE A 96 31.21 -3.42 -29.16
CA ILE A 96 30.11 -4.40 -29.15
C ILE A 96 30.10 -5.10 -27.79
N ALA A 97 31.26 -5.62 -27.41
CA ALA A 97 31.45 -6.26 -26.12
C ALA A 97 31.03 -5.35 -24.97
N SER A 98 31.39 -4.08 -25.11
CA SER A 98 31.10 -3.07 -24.12
C SER A 98 29.60 -2.83 -23.94
N MET A 99 28.87 -2.83 -25.06
CA MET A 99 27.41 -2.79 -25.03
C MET A 99 26.87 -3.99 -24.29
N PHE A 100 27.39 -5.18 -24.59
CA PHE A 100 26.93 -6.40 -23.94
C PHE A 100 27.08 -6.28 -22.43
N VAL A 101 28.20 -5.72 -22.00
CA VAL A 101 28.51 -5.60 -20.58
C VAL A 101 27.51 -4.67 -19.91
N LYS A 102 27.30 -3.49 -20.48
CA LYS A 102 26.29 -2.57 -19.94
C LYS A 102 24.91 -3.23 -19.79
N SER A 103 24.55 -4.06 -20.77
CA SER A 103 23.23 -4.66 -20.86
C SER A 103 23.13 -5.75 -19.83
N VAL A 104 24.16 -6.58 -19.81
CA VAL A 104 24.24 -7.67 -18.86
C VAL A 104 24.14 -7.17 -17.41
N GLU A 105 24.85 -6.11 -17.07
CA GLU A 105 24.73 -5.53 -15.71
C GLU A 105 23.35 -4.92 -15.44
N THR A 106 22.70 -4.38 -16.47
CA THR A 106 21.30 -3.92 -16.34
C THR A 106 20.38 -5.11 -16.06
N PHE A 107 20.49 -6.18 -16.87
CA PHE A 107 19.73 -7.42 -16.61
C PHE A 107 19.95 -7.99 -15.23
N ASP A 108 21.17 -7.87 -14.73
CA ASP A 108 21.46 -8.35 -13.35
C ASP A 108 20.61 -7.62 -12.29
N LEU A 109 20.60 -6.29 -12.37
CA LEU A 109 19.80 -5.45 -11.51
C LEU A 109 18.33 -5.79 -11.64
N LEU A 110 17.88 -5.91 -12.89
CA LEU A 110 16.48 -6.19 -13.17
C LEU A 110 16.03 -7.56 -12.66
N ASN A 111 16.86 -8.58 -12.92
CA ASN A 111 16.50 -9.94 -12.57
C ASN A 111 16.32 -10.08 -11.08
N TYR A 112 17.23 -9.47 -10.31
CA TYR A 112 17.10 -9.49 -8.85
C TYR A 112 15.76 -8.87 -8.42
N TYR A 113 15.42 -7.71 -9.01
CA TYR A 113 14.20 -7.05 -8.65
C TYR A 113 13.06 -7.93 -9.05
N LEU A 114 13.00 -8.26 -10.33
CA LEU A 114 11.89 -9.02 -10.92
C LEU A 114 11.67 -10.40 -10.31
N THR A 115 12.74 -11.18 -10.13
CA THR A 115 12.61 -12.57 -9.76
C THR A 115 12.73 -12.85 -8.28
N GLN A 116 13.20 -11.87 -7.51
CA GLN A 116 13.44 -12.08 -6.08
C GLN A 116 12.66 -11.10 -5.23
N SER A 117 13.15 -9.87 -5.05
CA SER A 117 12.44 -8.83 -4.26
C SER A 117 10.96 -8.67 -4.55
N LEU A 118 10.66 -8.41 -5.82
CA LEU A 118 9.29 -8.17 -6.22
C LEU A 118 8.40 -9.40 -6.07
N GLN A 119 8.97 -10.57 -6.33
CA GLN A 119 8.23 -11.81 -6.12
C GLN A 119 7.81 -11.95 -4.67
N LYS A 120 8.75 -11.71 -3.75
CA LYS A 120 8.42 -11.76 -2.33
C LYS A 120 7.41 -10.68 -1.94
N GLU A 121 7.60 -9.49 -2.48
CA GLU A 121 6.68 -8.39 -2.23
C GLU A 121 5.27 -8.69 -2.74
N ILE A 122 5.18 -9.30 -3.91
CA ILE A 122 3.89 -9.67 -4.44
C ILE A 122 3.13 -10.61 -3.52
N LEU A 123 3.80 -11.62 -2.99
CA LEU A 123 3.17 -12.55 -2.06
C LEU A 123 2.82 -11.87 -0.72
N SER A 124 3.69 -10.99 -0.25
CA SER A 124 3.45 -10.26 1.01
C SER A 124 2.22 -9.37 0.94
N LYS A 125 2.12 -8.61 -0.16
CA LYS A 125 1.01 -7.69 -0.37
C LYS A 125 -0.30 -8.37 -0.76
N THR A 126 -0.24 -9.40 -1.60
CA THR A 126 -1.45 -9.98 -2.24
C THR A 126 -1.83 -11.39 -1.81
N LEU A 127 -0.85 -12.17 -1.31
CA LEU A 127 -0.89 -13.64 -1.28
C LEU A 127 -1.42 -14.32 -2.53
N ASN A 128 -1.29 -13.68 -3.68
CA ASN A 128 -1.89 -14.13 -4.92
C ASN A 128 -0.79 -14.66 -5.79
N GLU A 129 -0.64 -15.99 -5.85
CA GLU A 129 0.39 -16.59 -6.71
C GLU A 129 0.10 -16.47 -8.23
N ASP A 130 -1.14 -16.12 -8.60
CA ASP A 130 -1.42 -15.81 -9.99
C ASP A 130 -0.52 -14.70 -10.50
N LEU A 131 -0.08 -13.79 -9.65
CA LEU A 131 0.78 -12.64 -10.09
C LEU A 131 2.29 -12.88 -10.10
N THR A 132 2.69 -14.01 -9.57
CA THR A 132 4.09 -14.38 -9.52
C THR A 132 4.52 -15.00 -10.84
N LEU A 133 5.83 -15.03 -11.05
CA LEU A 133 6.43 -15.82 -12.13
C LEU A 133 6.44 -17.30 -11.77
N THR A 134 6.50 -18.15 -12.79
CA THR A 134 6.69 -19.58 -12.59
C THR A 134 8.14 -19.85 -12.23
N ALA A 135 8.36 -20.93 -11.48
CA ALA A 135 9.71 -21.38 -11.15
C ALA A 135 10.55 -21.60 -12.42
N GLU A 136 9.91 -22.14 -13.46
CA GLU A 136 10.58 -22.50 -14.70
C GLU A 136 11.00 -21.25 -15.45
N SER A 137 10.19 -20.20 -15.41
CA SER A 137 10.59 -18.92 -16.02
C SER A 137 11.82 -18.33 -15.30
N ILE A 138 11.85 -18.47 -13.99
CA ILE A 138 13.01 -17.99 -13.24
C ILE A 138 14.27 -18.77 -13.62
N LEU A 139 14.12 -20.08 -13.73
CA LEU A 139 15.25 -20.94 -14.16
C LEU A 139 15.80 -20.47 -15.50
N ALA A 140 14.89 -20.28 -16.45
CA ALA A 140 15.23 -19.82 -17.78
C ALA A 140 15.94 -18.47 -17.78
N ILE A 141 15.40 -17.53 -17.00
CA ILE A 141 15.97 -16.20 -16.85
C ILE A 141 17.42 -16.31 -16.44
N ASP A 142 17.65 -17.08 -15.37
CA ASP A 142 19.00 -17.26 -14.83
C ASP A 142 19.93 -18.01 -15.77
N ASP A 143 19.41 -19.03 -16.43
CA ASP A 143 20.19 -19.78 -17.43
C ASP A 143 20.60 -18.91 -18.63
N THR A 144 19.67 -18.13 -19.17
CA THR A 144 19.98 -17.17 -20.22
C THR A 144 20.99 -16.12 -19.79
N TYR A 145 20.81 -15.55 -18.59
CA TYR A 145 21.76 -14.57 -18.06
C TYR A 145 23.16 -15.18 -17.99
N ASN A 146 23.26 -16.35 -17.37
CA ASN A 146 24.57 -17.00 -17.19
C ASN A 146 25.30 -17.15 -18.50
N HIS A 147 24.58 -17.62 -19.52
CA HIS A 147 25.18 -17.84 -20.83
C HIS A 147 25.52 -16.53 -21.55
N PHE A 148 24.68 -15.52 -21.47
CA PHE A 148 25.12 -14.20 -22.01
C PHE A 148 26.33 -13.61 -21.27
N VAL A 149 26.42 -13.82 -19.96
CA VAL A 149 27.58 -13.39 -19.19
C VAL A 149 28.80 -14.09 -19.74
N LYS A 150 28.68 -15.40 -19.94
CA LYS A 150 29.82 -16.22 -20.39
C LYS A 150 30.23 -15.91 -21.82
N PHE A 151 29.25 -15.76 -22.71
CA PHE A 151 29.51 -15.29 -24.06
C PHE A 151 30.22 -13.92 -24.03
N SER A 152 29.75 -12.99 -23.21
CA SER A 152 30.39 -11.68 -23.10
C SER A 152 31.84 -11.81 -22.69
N GLN A 153 32.10 -12.69 -21.74
CA GLN A 153 33.45 -12.93 -21.24
C GLN A 153 34.31 -13.57 -22.33
N TRP A 154 33.73 -14.52 -23.06
CA TRP A 154 34.43 -15.14 -24.17
C TRP A 154 34.91 -14.10 -25.18
N MET A 155 34.02 -13.27 -25.69
CA MET A 155 34.41 -12.22 -26.64
C MET A 155 35.57 -11.39 -26.12
N ILE A 156 35.51 -11.03 -24.85
CA ILE A 156 36.47 -10.09 -24.28
C ILE A 156 37.83 -10.77 -24.05
N GLU A 157 37.82 -11.91 -23.38
CA GLU A 157 39.06 -12.61 -23.02
C GLU A 157 39.72 -13.31 -24.22
N SER A 158 38.91 -13.81 -25.17
CA SER A 158 39.43 -14.45 -26.39
C SER A 158 40.32 -13.50 -27.22
N LEU A 159 39.90 -12.24 -27.35
CA LEU A 159 40.71 -11.23 -28.04
C LEU A 159 41.63 -10.43 -27.12
N ARG A 160 41.77 -10.86 -25.87
CA ARG A 160 42.55 -10.13 -24.84
C ARG A 160 42.32 -8.60 -24.79
N ILE A 161 41.06 -8.20 -24.82
CA ILE A 161 40.67 -6.79 -24.84
C ILE A 161 40.06 -6.32 -23.51
N GLY A 162 40.13 -7.19 -22.50
CA GLY A 162 39.59 -6.94 -21.19
C GLY A 162 40.39 -5.98 -20.34
N SER A 163 39.75 -5.50 -19.29
CA SER A 163 40.34 -4.60 -18.34
C SER A 163 39.49 -4.63 -17.07
N ASN A 164 39.92 -3.87 -16.05
CA ASN A 164 39.13 -3.71 -14.83
C ASN A 164 37.71 -3.14 -15.11
N LEU A 165 37.61 -2.29 -16.13
CA LEU A 165 36.39 -1.58 -16.43
C LEU A 165 35.33 -2.42 -17.18
N LEU A 166 35.78 -3.45 -17.91
CA LEU A 166 34.88 -4.40 -18.59
C LEU A 166 34.55 -5.66 -17.79
N ASP A 167 35.10 -5.77 -16.57
CA ASP A 167 34.79 -6.90 -15.71
C ASP A 167 33.32 -6.88 -15.37
N LEU A 168 32.71 -8.06 -15.43
CA LEU A 168 31.33 -8.23 -15.00
C LEU A 168 31.31 -8.56 -13.50
N GLU A 169 30.40 -7.94 -12.75
CA GLU A 169 30.33 -8.18 -11.30
C GLU A 169 30.21 -9.66 -10.97
N VAL A 170 29.36 -10.39 -11.70
CA VAL A 170 29.13 -11.79 -11.35
C VAL A 170 30.37 -12.66 -11.58
N VAL A 171 31.18 -12.29 -12.58
CA VAL A 171 32.38 -13.07 -12.91
C VAL A 171 33.45 -12.87 -11.81
N GLN A 172 33.76 -11.61 -11.48
CA GLN A 172 34.64 -11.33 -10.34
C GLN A 172 34.13 -11.95 -9.03
N PHE A 173 32.83 -11.90 -8.77
CA PHE A 173 32.32 -12.49 -7.54
C PHE A 173 32.64 -14.00 -7.49
N ALA A 174 32.39 -14.71 -8.58
CA ALA A 174 32.74 -16.13 -8.66
C ALA A 174 34.23 -16.38 -8.38
N ILE A 175 35.10 -15.57 -8.97
CA ILE A 175 36.54 -15.71 -8.80
C ILE A 175 36.96 -15.43 -7.36
N LYS A 176 36.57 -14.28 -6.82
CA LYS A 176 36.84 -14.00 -5.39
C LYS A 176 36.28 -15.06 -4.42
N SER A 177 35.15 -15.69 -4.75
CA SER A 177 34.58 -16.76 -3.94
C SER A 177 35.39 -18.06 -3.99
N ALA A 178 36.01 -18.35 -5.13
CA ALA A 178 36.87 -19.53 -5.29
C ALA A 178 38.24 -19.37 -4.58
N ASP A 179 38.84 -18.18 -4.64
CA ASP A 179 40.07 -17.83 -3.86
C ASP A 179 39.89 -18.06 -2.37
N GLU A 180 38.80 -17.53 -1.83
CA GLU A 180 38.46 -17.65 -0.41
C GLU A 180 38.11 -19.11 -0.07
N ASP A 181 37.37 -19.77 -0.95
CA ASP A 181 37.24 -21.24 -0.92
C ASP A 181 38.50 -21.91 -1.46
N GLU A 187 39.49 -27.39 -13.32
CA GLU A 187 38.83 -28.59 -12.80
C GLU A 187 37.33 -28.41 -12.59
N THR A 188 36.83 -27.17 -12.65
CA THR A 188 35.57 -26.73 -11.98
C THR A 188 34.27 -26.91 -12.75
N ASP A 189 33.21 -27.10 -11.97
CA ASP A 189 31.85 -27.26 -12.47
C ASP A 189 31.17 -25.88 -12.69
N ASN A 190 31.74 -24.81 -12.11
CA ASN A 190 31.20 -23.45 -12.24
C ASN A 190 31.58 -22.79 -13.55
N ILE A 191 30.55 -22.50 -14.36
CA ILE A 191 30.69 -21.85 -15.66
C ILE A 191 31.59 -20.59 -15.67
N PHE A 192 31.51 -19.76 -14.63
CA PHE A 192 32.20 -18.47 -14.65
C PHE A 192 33.69 -18.61 -14.43
N LEU A 193 34.10 -19.66 -13.73
CA LEU A 193 35.51 -19.88 -13.40
C LEU A 193 36.31 -20.59 -14.48
N GLN A 194 35.64 -21.16 -15.47
CA GLN A 194 36.32 -21.91 -16.49
C GLN A 194 37.02 -20.97 -17.53
N GLU A 195 38.16 -21.43 -18.06
CA GLU A 195 39.17 -20.57 -18.75
C GLU A 195 38.78 -20.32 -20.21
N ILE A 196 38.94 -19.07 -20.63
CA ILE A 196 38.70 -18.67 -21.99
C ILE A 196 40.00 -18.89 -22.78
N LEU A 197 39.91 -19.66 -23.85
CA LEU A 197 41.05 -19.91 -24.73
C LEU A 197 41.18 -18.70 -25.63
N PRO A 198 42.43 -18.23 -25.86
CA PRO A 198 42.60 -17.11 -26.80
C PRO A 198 42.30 -17.58 -28.23
N VAL A 199 41.89 -16.64 -29.09
CA VAL A 199 41.73 -16.92 -30.52
C VAL A 199 42.81 -16.15 -31.27
N ASN A 200 43.20 -16.68 -32.42
CA ASN A 200 44.31 -16.11 -33.21
C ASN A 200 43.92 -15.55 -34.57
N SER A 201 42.84 -16.05 -35.15
CA SER A 201 42.31 -15.50 -36.40
C SER A 201 40.87 -15.01 -36.22
N GLU A 202 40.42 -14.21 -37.18
CA GLU A 202 39.03 -13.80 -37.25
C GLU A 202 38.15 -14.96 -37.71
N GLU A 203 38.68 -15.78 -38.61
CA GLU A 203 38.02 -17.01 -39.05
C GLU A 203 37.64 -17.91 -37.86
N GLU A 204 38.54 -17.98 -36.88
CA GLU A 204 38.30 -18.78 -35.67
C GLU A 204 37.22 -18.14 -34.79
N PHE A 205 37.30 -16.81 -34.61
CA PHE A 205 36.31 -16.07 -33.83
C PHE A 205 34.93 -16.29 -34.41
N GLN A 206 34.82 -16.11 -35.73
CA GLN A 206 33.58 -16.31 -36.49
C GLN A 206 32.97 -17.70 -36.27
N THR A 207 33.82 -18.72 -36.30
CA THR A 207 33.37 -20.10 -36.16
C THR A 207 32.78 -20.26 -34.77
N LEU A 208 33.57 -19.94 -33.75
CA LEU A 208 33.13 -20.02 -32.35
C LEU A 208 31.94 -19.11 -32.05
N SER A 209 31.95 -17.91 -32.62
CA SER A 209 30.84 -16.96 -32.49
C SER A 209 29.51 -17.61 -32.94
N ALA A 210 29.51 -18.22 -34.12
CA ALA A 210 28.29 -18.83 -34.67
C ALA A 210 27.83 -20.03 -33.85
N ALA A 211 28.76 -20.71 -33.19
CA ALA A 211 28.41 -21.83 -32.30
C ALA A 211 27.73 -21.29 -31.03
N TRP A 212 28.28 -20.18 -30.51
CA TRP A 212 27.69 -19.43 -29.39
C TRP A 212 26.29 -18.95 -29.80
N HIS A 213 26.20 -18.39 -31.01
CA HIS A 213 24.94 -17.91 -31.56
C HIS A 213 23.87 -18.98 -31.52
N SER A 214 24.24 -20.20 -31.89
CA SER A 214 23.30 -21.31 -31.90
C SER A 214 22.83 -21.63 -30.47
N ILE A 215 23.78 -21.69 -29.54
CA ILE A 215 23.48 -21.98 -28.12
C ILE A 215 22.56 -20.92 -27.51
N LEU A 216 22.91 -19.65 -27.70
CA LEU A 216 22.14 -18.55 -27.14
C LEU A 216 20.75 -18.47 -27.73
N ASP A 217 20.60 -18.67 -29.04
CA ASP A 217 19.26 -18.73 -29.67
C ASP A 217 18.44 -19.85 -29.01
N GLY A 218 19.07 -20.96 -28.68
CA GLY A 218 18.42 -22.07 -27.97
C GLY A 218 17.89 -21.67 -26.60
N LYS A 219 18.68 -20.88 -25.87
CA LYS A 219 18.30 -20.37 -24.56
C LYS A 219 17.18 -19.35 -24.68
N LEU A 220 17.26 -18.46 -25.66
CA LEU A 220 16.23 -17.45 -25.85
C LEU A 220 14.86 -18.03 -26.28
N SER A 221 14.86 -19.16 -26.99
CA SER A 221 13.61 -19.86 -27.33
C SER A 221 12.97 -20.52 -26.12
N ALA A 222 13.78 -21.16 -25.30
CA ALA A 222 13.33 -21.67 -24.00
C ALA A 222 12.76 -20.55 -23.13
N LEU A 223 13.44 -19.39 -23.12
CA LEU A 223 12.99 -18.21 -22.41
C LEU A 223 11.66 -17.72 -22.92
N ASP A 224 11.57 -17.53 -24.23
CA ASP A 224 10.31 -17.18 -24.90
C ASP A 224 9.19 -18.15 -24.54
N GLU A 225 9.47 -19.43 -24.59
CA GLU A 225 8.48 -20.42 -24.26
C GLU A 225 7.95 -20.26 -22.83
N GLU A 226 8.85 -20.05 -21.88
CA GLU A 226 8.46 -19.83 -20.49
C GLU A 226 7.76 -18.48 -20.26
N PHE A 227 8.19 -17.44 -20.97
CA PHE A 227 7.47 -16.16 -20.95
C PHE A 227 6.06 -16.28 -21.54
N ASP A 228 5.89 -17.15 -22.53
N ASP A 228 5.87 -17.17 -22.52
CA ASP A 228 4.58 -17.41 -23.09
CA ASP A 228 4.53 -17.48 -23.06
C ASP A 228 3.67 -18.15 -22.07
C ASP A 228 3.67 -18.12 -22.02
N VAL A 229 4.23 -19.11 -21.33
CA VAL A 229 3.49 -19.84 -20.30
C VAL A 229 3.01 -18.89 -19.20
N VAL A 230 3.90 -18.06 -18.68
CA VAL A 230 3.53 -17.12 -17.61
C VAL A 230 2.55 -16.07 -18.14
N ALA A 231 2.72 -15.61 -19.38
CA ALA A 231 1.79 -14.63 -19.95
C ALA A 231 0.41 -15.22 -20.11
N THR A 232 0.34 -16.52 -20.44
CA THR A 232 -0.93 -17.21 -20.63
C THR A 232 -1.64 -17.32 -19.31
N LYS A 233 -0.91 -17.75 -18.27
CA LYS A 233 -1.43 -17.77 -16.91
C LYS A 233 -2.02 -16.39 -16.55
N TRP A 234 -1.27 -15.30 -16.80
CA TRP A 234 -1.73 -13.95 -16.45
C TRP A 234 -2.98 -13.58 -17.23
N HIS A 235 -3.03 -14.01 -18.49
CA HIS A 235 -4.21 -13.81 -19.31
C HIS A 235 -5.43 -14.57 -18.76
N ASP A 236 -5.26 -15.86 -18.46
CA ASP A 236 -6.39 -16.68 -18.01
C ASP A 236 -6.88 -16.26 -16.64
N LYS A 237 -5.96 -15.99 -15.72
CA LYS A 237 -6.32 -15.71 -14.34
C LYS A 237 -6.75 -14.25 -14.10
N PHE A 238 -6.34 -13.30 -14.94
CA PHE A 238 -6.91 -11.92 -14.91
C PHE A 238 -7.58 -11.54 -16.20
N GLY A 239 -6.71 -11.41 -17.20
CA GLY A 239 -6.98 -10.67 -18.38
C GLY A 239 -7.80 -11.39 -19.42
N ASP B 3 43.97 10.84 -35.59
CA ASP B 3 44.74 12.13 -35.57
C ASP B 3 45.38 12.43 -34.23
N ILE B 4 44.60 12.89 -33.25
CA ILE B 4 45.13 13.41 -31.98
C ILE B 4 45.90 12.30 -31.27
N LYS B 5 47.05 12.63 -30.69
CA LYS B 5 47.99 11.64 -30.12
C LYS B 5 48.23 11.79 -28.63
N VAL B 6 48.56 10.66 -28.00
CA VAL B 6 48.91 10.58 -26.57
C VAL B 6 50.20 11.34 -26.20
N THR B 7 50.30 11.73 -24.93
CA THR B 7 51.51 12.34 -24.36
C THR B 7 51.84 11.55 -23.10
N PRO B 8 53.00 11.83 -22.46
CA PRO B 8 53.24 11.19 -21.15
C PRO B 8 52.26 11.64 -20.05
N GLY B 9 51.82 12.91 -20.11
CA GLY B 9 50.78 13.44 -19.24
C GLY B 9 49.37 12.87 -19.35
N THR B 10 49.09 12.09 -20.40
CA THR B 10 47.77 11.48 -20.65
C THR B 10 47.34 10.50 -19.56
N SER B 11 48.28 9.68 -19.11
CA SER B 11 48.04 8.73 -18.02
C SER B 11 47.36 9.39 -16.80
N GLU B 12 47.91 10.50 -16.33
CA GLU B 12 47.37 11.20 -15.15
C GLU B 12 46.03 11.89 -15.40
N LEU B 13 45.77 12.32 -16.64
CA LEU B 13 44.47 12.90 -17.03
C LEU B 13 43.32 11.89 -16.90
N VAL B 14 43.58 10.66 -17.32
CA VAL B 14 42.63 9.57 -17.19
C VAL B 14 42.38 9.25 -15.73
N GLU B 15 43.45 9.08 -14.97
CA GLU B 15 43.35 8.80 -13.54
C GLU B 15 42.52 9.89 -12.84
N GLN B 16 42.71 11.14 -13.22
CA GLN B 16 41.96 12.23 -12.61
C GLN B 16 40.45 12.20 -12.93
N ILE B 17 40.13 11.87 -14.18
CA ILE B 17 38.75 11.72 -14.57
C ILE B 17 38.12 10.58 -13.76
N LEU B 18 38.77 9.43 -13.75
CA LEU B 18 38.27 8.26 -13.03
C LEU B 18 38.09 8.53 -11.54
N ALA B 19 38.90 9.42 -10.97
CA ALA B 19 38.78 9.75 -9.55
C ALA B 19 37.46 10.44 -9.24
N LEU B 20 36.97 11.28 -10.15
CA LEU B 20 35.62 11.88 -10.01
C LEU B 20 34.56 10.82 -9.94
N LEU B 21 34.61 9.88 -10.87
CA LEU B 21 33.63 8.80 -10.92
C LEU B 21 33.64 8.05 -9.61
N SER B 22 34.83 7.80 -9.10
CA SER B 22 34.95 7.12 -7.83
C SER B 22 34.37 7.92 -6.69
N ARG B 23 34.54 9.24 -6.72
CA ARG B 23 33.96 10.10 -5.70
C ARG B 23 32.41 10.09 -5.74
N TYR B 24 31.86 10.14 -6.95
CA TYR B 24 30.44 10.05 -7.19
C TYR B 24 29.92 8.74 -6.64
N LEU B 25 30.58 7.64 -7.00
CA LEU B 25 30.12 6.32 -6.58
C LEU B 25 30.18 6.23 -5.07
N SER B 26 31.27 6.72 -4.50
CA SER B 26 31.54 6.57 -3.07
C SER B 26 30.56 7.38 -2.23
N SER B 27 30.18 8.58 -2.69
CA SER B 27 29.14 9.33 -1.99
C SER B 27 27.86 8.52 -1.80
N TYR B 28 27.42 7.86 -2.87
CA TYR B 28 26.23 7.02 -2.83
C TYR B 28 26.42 5.82 -1.93
N ILE B 29 27.54 5.15 -2.07
CA ILE B 29 27.78 3.96 -1.27
C ILE B 29 27.74 4.26 0.24
N HIS B 30 28.29 5.40 0.64
N HIS B 30 28.30 5.40 0.64
CA HIS B 30 28.33 5.81 2.05
CA HIS B 30 28.34 5.76 2.07
C HIS B 30 26.92 6.00 2.59
C HIS B 30 26.92 6.00 2.61
N VAL B 31 26.14 6.82 1.92
CA VAL B 31 24.80 7.17 2.38
C VAL B 31 23.85 5.96 2.32
N LEU B 32 24.03 5.14 1.31
CA LEU B 32 23.21 3.94 1.16
C LEU B 32 23.53 2.90 2.21
N ASN B 33 24.80 2.79 2.57
CA ASN B 33 25.17 1.91 3.67
C ASN B 33 24.45 2.28 4.97
N LYS B 34 24.37 3.58 5.22
CA LYS B 34 23.67 4.09 6.39
C LYS B 34 22.20 3.80 6.29
N PHE B 35 21.61 4.10 5.14
CA PHE B 35 20.18 3.88 4.97
C PHE B 35 19.85 2.41 5.12
N ILE B 36 20.64 1.53 4.51
CA ILE B 36 20.41 0.08 4.59
C ILE B 36 20.44 -0.40 6.04
N SER B 37 21.35 0.16 6.84
CA SER B 37 21.44 -0.18 8.26
C SER B 37 20.20 0.24 9.04
N HIS B 38 19.75 1.46 8.81
CA HIS B 38 18.52 1.94 9.43
C HIS B 38 17.37 1.03 9.04
N LEU B 39 17.27 0.71 7.75
CA LEU B 39 16.18 -0.10 7.22
C LEU B 39 16.10 -1.52 7.75
N ARG B 40 17.20 -2.04 8.27
CA ARG B 40 17.19 -3.30 8.98
C ARG B 40 16.19 -3.33 10.16
N ARG B 41 15.93 -2.18 10.77
CA ARG B 41 15.01 -2.11 11.91
C ARG B 41 13.53 -1.89 11.51
N VAL B 42 13.22 -1.79 10.20
CA VAL B 42 11.86 -1.60 9.72
C VAL B 42 11.41 -2.86 8.98
N ALA B 43 10.54 -3.62 9.62
CA ALA B 43 10.11 -4.92 9.10
C ALA B 43 9.43 -4.79 7.75
N THR B 44 8.63 -3.75 7.58
CA THR B 44 7.82 -3.59 6.35
C THR B 44 8.64 -3.19 5.14
N LEU B 45 9.88 -2.75 5.35
CA LEU B 45 10.76 -2.38 4.26
C LEU B 45 11.85 -3.40 3.98
N ARG B 46 11.62 -4.64 4.42
CA ARG B 46 12.60 -5.71 4.30
C ARG B 46 13.06 -5.98 2.88
N PHE B 47 12.12 -6.04 1.93
CA PHE B 47 12.50 -6.40 0.56
C PHE B 47 13.03 -5.21 -0.23
N GLU B 48 12.52 -4.03 0.09
CA GLU B 48 13.06 -2.82 -0.52
C GLU B 48 14.53 -2.71 -0.17
N ARG B 49 14.83 -3.06 1.06
CA ARG B 49 16.19 -3.05 1.58
C ARG B 49 17.06 -3.95 0.73
N THR B 50 16.58 -5.15 0.43
CA THR B 50 17.39 -6.07 -0.37
C THR B 50 17.60 -5.53 -1.77
N THR B 51 16.61 -4.85 -2.32
CA THR B 51 16.80 -4.17 -3.61
C THR B 51 17.94 -3.15 -3.54
N LEU B 52 17.91 -2.31 -2.51
CA LEU B 52 18.99 -1.34 -2.32
C LEU B 52 20.38 -1.98 -2.18
N ILE B 53 20.44 -3.09 -1.47
CA ILE B 53 21.69 -3.81 -1.34
C ILE B 53 22.16 -4.21 -2.72
N LYS B 54 21.27 -4.74 -3.56
CA LYS B 54 21.65 -5.15 -4.92
C LYS B 54 22.23 -3.98 -5.72
N PHE B 55 21.58 -2.83 -5.64
CA PHE B 55 22.11 -1.64 -6.24
C PHE B 55 23.46 -1.26 -5.64
N VAL B 56 23.56 -1.22 -4.32
CA VAL B 56 24.79 -0.68 -3.70
C VAL B 56 26.00 -1.59 -4.01
N LYS B 57 25.75 -2.89 -4.09
CA LYS B 57 26.77 -3.84 -4.52
C LYS B 57 27.30 -3.54 -5.90
N LYS B 58 26.39 -3.20 -6.82
CA LYS B 58 26.78 -2.84 -8.17
C LYS B 58 27.67 -1.59 -8.17
N LEU B 59 27.26 -0.56 -7.46
CA LEU B 59 28.08 0.64 -7.35
C LEU B 59 29.45 0.35 -6.75
N ARG B 60 29.44 -0.42 -5.67
CA ARG B 60 30.68 -0.80 -4.99
C ARG B 60 31.64 -1.51 -5.96
N PHE B 61 31.09 -2.38 -6.80
CA PHE B 61 31.88 -3.11 -7.76
C PHE B 61 32.49 -2.15 -8.78
N TYR B 62 31.69 -1.24 -9.30
CA TYR B 62 32.19 -0.22 -10.22
C TYR B 62 33.28 0.62 -9.56
N ASN B 63 33.11 0.94 -8.29
CA ASN B 63 34.11 1.66 -7.57
C ASN B 63 35.42 0.85 -7.39
N ASP B 64 35.35 -0.43 -7.03
CA ASP B 64 36.60 -1.24 -6.94
C ASP B 64 37.26 -1.34 -8.31
N SER B 65 36.45 -1.56 -9.34
CA SER B 65 36.94 -1.65 -10.69
C SER B 65 37.72 -0.38 -11.02
N VAL B 66 37.10 0.77 -10.85
CA VAL B 66 37.74 2.05 -11.13
C VAL B 66 39.02 2.29 -10.30
N LEU B 67 38.95 2.07 -9.00
CA LEU B 67 40.11 2.29 -8.14
C LEU B 67 41.28 1.35 -8.48
N SER B 68 41.00 0.11 -8.89
CA SER B 68 42.04 -0.83 -9.30
C SER B 68 42.61 -0.63 -10.70
N TYR B 69 41.93 0.17 -11.53
CA TYR B 69 42.38 0.40 -12.89
C TYR B 69 43.66 1.20 -12.87
N ASN B 70 44.73 0.59 -13.35
CA ASN B 70 45.99 1.27 -13.60
C ASN B 70 46.03 1.76 -15.07
N ALA B 71 45.85 3.06 -15.27
CA ALA B 71 45.66 3.63 -16.60
C ALA B 71 46.86 3.40 -17.51
N SER B 72 48.06 3.60 -16.96
CA SER B 72 49.33 3.42 -17.68
C SER B 72 49.46 2.03 -18.34
N GLU B 73 48.92 1.00 -17.72
CA GLU B 73 48.91 -0.35 -18.30
C GLU B 73 48.10 -0.53 -19.57
N PHE B 74 47.31 0.49 -19.95
CA PHE B 74 46.46 0.43 -21.15
C PHE B 74 46.75 1.56 -22.12
N ILE B 75 47.79 2.36 -21.86
CA ILE B 75 48.16 3.49 -22.71
C ILE B 75 49.58 3.24 -23.20
N ASN B 76 49.70 2.97 -24.50
CA ASN B 76 51.00 2.93 -25.15
C ASN B 76 51.49 4.33 -25.53
N GLU B 77 52.39 4.87 -24.72
CA GLU B 77 52.96 6.21 -24.93
C GLU B 77 53.84 6.18 -26.20
N GLY B 78 54.19 7.35 -26.72
CA GLY B 78 55.15 7.46 -27.80
C GLY B 78 56.55 7.70 -27.25
N LYS B 79 57.54 7.34 -28.07
CA LYS B 79 58.94 7.29 -27.63
C LYS B 79 59.71 8.61 -27.50
N ASN B 80 59.82 9.41 -28.57
CA ASN B 80 60.35 10.81 -28.51
C ASN B 80 59.29 11.85 -28.99
N GLU B 81 58.13 11.36 -29.45
CA GLU B 81 57.01 12.17 -30.09
C GLU B 81 56.35 11.16 -31.08
N LEU B 82 56.64 11.26 -32.39
CA LEU B 82 56.08 10.29 -33.37
C LEU B 82 56.69 8.88 -33.23
N ASP B 83 55.73 7.98 -33.23
CA ASP B 83 55.91 6.55 -33.17
C ASP B 83 54.61 6.05 -33.79
N PRO B 84 54.69 5.36 -34.96
CA PRO B 84 53.46 4.82 -35.59
C PRO B 84 52.72 3.68 -34.83
N GLU B 85 53.29 3.14 -33.75
CA GLU B 85 52.59 2.24 -32.81
C GLU B 85 51.92 2.92 -31.57
N ALA B 86 52.28 4.17 -31.24
CA ALA B 86 51.66 4.91 -30.11
C ALA B 86 50.15 5.09 -30.29
N ASP B 87 49.44 5.13 -29.16
CA ASP B 87 47.97 5.12 -29.17
C ASP B 87 47.34 6.47 -29.55
N SER B 88 46.21 6.40 -30.24
CA SER B 88 45.35 7.57 -30.43
C SER B 88 44.69 7.96 -29.11
N PHE B 89 44.53 9.27 -28.88
CA PHE B 89 43.83 9.78 -27.70
C PHE B 89 42.37 9.27 -27.67
N ASP B 90 41.70 9.32 -28.82
CA ASP B 90 40.45 8.60 -29.11
C ASP B 90 40.39 7.23 -28.42
N LYS B 91 41.29 6.33 -28.80
CA LYS B 91 41.30 4.96 -28.35
C LYS B 91 41.38 4.88 -26.82
N VAL B 92 42.09 5.81 -26.22
CA VAL B 92 42.34 5.84 -24.78
C VAL B 92 41.17 6.37 -23.94
N ILE B 93 40.56 7.46 -24.40
CA ILE B 93 39.37 8.01 -23.75
C ILE B 93 38.13 7.10 -23.92
N LEU B 94 38.00 6.43 -25.06
CA LEU B 94 36.82 5.60 -25.35
C LEU B 94 36.36 4.67 -24.21
N PRO B 95 37.25 3.80 -23.69
CA PRO B 95 36.77 2.97 -22.57
C PRO B 95 36.48 3.74 -21.29
N ILE B 96 37.09 4.92 -21.09
CA ILE B 96 36.81 5.73 -19.90
C ILE B 96 35.40 6.28 -20.02
N ALA B 97 35.12 6.90 -21.16
CA ALA B 97 33.78 7.39 -21.48
C ALA B 97 32.73 6.29 -21.35
N SER B 98 33.10 5.12 -21.83
CA SER B 98 32.21 3.99 -21.85
C SER B 98 31.86 3.53 -20.44
N MET B 99 32.85 3.55 -19.54
CA MET B 99 32.60 3.32 -18.11
C MET B 99 31.63 4.36 -17.56
N PHE B 100 31.85 5.62 -17.89
CA PHE B 100 30.97 6.69 -17.41
C PHE B 100 29.54 6.44 -17.81
N VAL B 101 29.35 5.99 -19.05
CA VAL B 101 28.03 5.75 -19.57
C VAL B 101 27.35 4.62 -18.81
N LYS B 102 28.03 3.50 -18.65
CA LYS B 102 27.50 2.39 -17.87
C LYS B 102 27.10 2.80 -16.46
N SER B 103 27.89 3.69 -15.85
CA SER B 103 27.66 4.14 -14.49
C SER B 103 26.47 5.08 -14.44
N VAL B 104 26.49 6.04 -15.35
CA VAL B 104 25.42 7.00 -15.43
C VAL B 104 24.07 6.32 -15.62
N GLU B 105 23.97 5.34 -16.51
CA GLU B 105 22.71 4.63 -16.72
C GLU B 105 22.32 3.81 -15.47
N THR B 106 23.30 3.33 -14.73
CA THR B 106 23.04 2.67 -13.44
C THR B 106 22.45 3.69 -12.43
N PHE B 107 23.10 4.85 -12.28
CA PHE B 107 22.60 5.94 -11.44
C PHE B 107 21.19 6.38 -11.82
N ASP B 108 20.89 6.38 -13.11
CA ASP B 108 19.53 6.72 -13.56
C ASP B 108 18.48 5.76 -12.97
N LEU B 109 18.76 4.46 -13.12
CA LEU B 109 17.87 3.42 -12.59
C LEU B 109 17.73 3.53 -11.07
N LEU B 110 18.86 3.73 -10.39
CA LEU B 110 18.89 3.86 -8.96
C LEU B 110 18.16 5.09 -8.48
N ASN B 111 18.40 6.22 -9.12
CA ASN B 111 17.80 7.49 -8.66
C ASN B 111 16.28 7.43 -8.72
N TYR B 112 15.73 6.84 -9.78
CA TYR B 112 14.29 6.68 -9.89
C TYR B 112 13.76 5.84 -8.75
N TYR B 113 14.44 4.74 -8.45
CA TYR B 113 14.01 3.87 -7.38
C TYR B 113 14.11 4.64 -6.08
N LEU B 114 15.31 5.11 -5.79
CA LEU B 114 15.62 5.79 -4.53
C LEU B 114 14.80 7.05 -4.26
N THR B 115 14.68 7.95 -5.24
CA THR B 115 14.11 9.29 -5.03
C THR B 115 12.63 9.39 -5.38
N GLN B 116 12.06 8.38 -6.05
CA GLN B 116 10.67 8.43 -6.48
C GLN B 116 9.83 7.28 -5.96
N SER B 117 9.87 6.12 -6.61
CA SER B 117 9.17 4.91 -6.16
C SER B 117 9.29 4.62 -4.66
N LEU B 118 10.52 4.49 -4.19
CA LEU B 118 10.76 4.08 -2.83
C LEU B 118 10.28 5.15 -1.85
N GLN B 119 10.45 6.42 -2.24
CA GLN B 119 9.99 7.53 -1.39
C GLN B 119 8.50 7.41 -1.19
N LYS B 120 7.78 7.20 -2.26
CA LYS B 120 6.33 7.03 -2.14
C LYS B 120 5.98 5.79 -1.30
N GLU B 121 6.70 4.69 -1.54
CA GLU B 121 6.44 3.46 -0.82
C GLU B 121 6.69 3.64 0.68
N ILE B 122 7.76 4.36 1.04
CA ILE B 122 8.08 4.61 2.43
C ILE B 122 6.95 5.31 3.15
N LEU B 123 6.37 6.34 2.53
CA LEU B 123 5.24 7.04 3.11
C LEU B 123 4.03 6.15 3.20
N SER B 124 3.79 5.35 2.15
CA SER B 124 2.61 4.48 2.11
C SER B 124 2.65 3.47 3.24
N LYS B 125 3.82 2.84 3.41
CA LYS B 125 4.01 1.77 4.40
C LYS B 125 4.19 2.24 5.85
N THR B 126 4.89 3.36 6.06
CA THR B 126 5.29 3.81 7.41
C THR B 126 4.49 4.96 7.95
N LEU B 127 3.78 5.69 7.08
CA LEU B 127 2.88 6.76 7.52
C LEU B 127 3.63 7.92 8.16
N ASN B 128 4.92 8.01 7.85
CA ASN B 128 5.75 9.14 8.25
C ASN B 128 6.97 9.41 7.34
N GLU B 129 7.59 10.54 7.65
CA GLU B 129 8.69 11.16 6.93
C GLU B 129 10.06 10.87 7.53
N ASP B 130 10.12 10.02 8.56
CA ASP B 130 11.37 9.90 9.30
C ASP B 130 12.53 9.39 8.47
N LEU B 131 12.26 8.50 7.50
CA LEU B 131 13.29 7.90 6.64
C LEU B 131 13.12 8.26 5.17
N THR B 132 12.37 9.32 4.87
CA THR B 132 12.39 9.84 3.50
C THR B 132 13.63 10.71 3.34
N LEU B 133 14.01 10.94 2.10
CA LEU B 133 15.05 11.93 1.77
C LEU B 133 14.52 13.33 1.88
N THR B 134 15.41 14.29 2.09
CA THR B 134 15.07 15.69 2.03
C THR B 134 14.91 16.11 0.58
N ALA B 135 14.09 17.14 0.38
CA ALA B 135 13.91 17.73 -0.96
C ALA B 135 15.26 18.21 -1.55
N GLU B 136 16.11 18.76 -0.69
CA GLU B 136 17.38 19.31 -1.10
C GLU B 136 18.33 18.23 -1.55
N SER B 137 18.30 17.08 -0.87
CA SER B 137 19.12 15.95 -1.30
C SER B 137 18.67 15.46 -2.66
N ILE B 138 17.37 15.43 -2.90
CA ILE B 138 16.89 15.04 -4.20
C ILE B 138 17.37 16.03 -5.27
N LEU B 139 17.32 17.32 -4.97
CA LEU B 139 17.78 18.34 -5.88
C LEU B 139 19.23 18.11 -6.25
N ALA B 140 20.06 17.92 -5.24
CA ALA B 140 21.48 17.65 -5.41
C ALA B 140 21.74 16.41 -6.25
N ILE B 141 21.01 15.33 -5.97
CA ILE B 141 21.11 14.07 -6.71
C ILE B 141 20.92 14.35 -8.19
N ASP B 142 19.82 15.01 -8.50
CA ASP B 142 19.46 15.31 -9.87
C ASP B 142 20.42 16.28 -10.56
N ASP B 143 20.87 17.28 -9.82
CA ASP B 143 21.85 18.25 -10.32
C ASP B 143 23.20 17.56 -10.64
N THR B 144 23.67 16.71 -9.73
CA THR B 144 24.88 15.96 -9.97
C THR B 144 24.73 15.02 -11.16
N TYR B 145 23.62 14.31 -11.23
CA TYR B 145 23.38 13.39 -12.37
C TYR B 145 23.46 14.15 -13.67
N ASN B 146 22.69 15.24 -13.75
CA ASN B 146 22.63 16.05 -14.95
C ASN B 146 24.02 16.46 -15.46
N HIS B 147 24.86 16.94 -14.54
CA HIS B 147 26.19 17.37 -14.89
C HIS B 147 27.10 16.20 -15.26
N PHE B 148 27.05 15.09 -14.56
CA PHE B 148 27.81 13.93 -15.03
C PHE B 148 27.33 13.42 -16.39
N VAL B 149 26.04 13.49 -16.65
CA VAL B 149 25.53 13.13 -17.98
C VAL B 149 26.16 14.04 -19.03
N LYS B 150 26.19 15.34 -18.72
CA LYS B 150 26.66 16.34 -19.67
C LYS B 150 28.16 16.23 -19.88
N PHE B 151 28.91 16.06 -18.78
CA PHE B 151 30.33 15.78 -18.87
C PHE B 151 30.60 14.53 -19.71
N SER B 152 29.84 13.46 -19.48
CA SER B 152 29.97 12.26 -20.29
C SER B 152 29.75 12.51 -21.80
N GLN B 153 28.73 13.30 -22.10
CA GLN B 153 28.42 13.67 -23.48
C GLN B 153 29.52 14.54 -24.08
N TRP B 154 30.04 15.48 -23.27
CA TRP B 154 31.16 16.30 -23.72
C TRP B 154 32.35 15.44 -24.16
N MET B 155 32.84 14.57 -23.30
CA MET B 155 33.96 13.70 -23.65
C MET B 155 33.73 12.96 -24.96
N ILE B 156 32.51 12.47 -25.15
CA ILE B 156 32.22 11.61 -26.29
C ILE B 156 32.10 12.44 -27.58
N GLU B 157 31.28 13.49 -27.55
CA GLU B 157 31.01 14.30 -28.74
C GLU B 157 32.18 15.21 -29.10
N SER B 158 32.92 15.70 -28.11
CA SER B 158 34.11 16.53 -28.36
C SER B 158 35.17 15.80 -29.22
N LEU B 159 35.41 14.52 -28.93
CA LEU B 159 36.34 13.70 -29.71
C LEU B 159 35.68 12.94 -30.86
N ARG B 160 34.42 13.23 -31.14
CA ARG B 160 33.62 12.50 -32.16
C ARG B 160 33.73 10.96 -32.12
N ILE B 161 33.64 10.40 -30.93
CA ILE B 161 33.80 8.96 -30.68
C ILE B 161 32.48 8.27 -30.32
N GLY B 162 31.39 9.01 -30.47
CA GLY B 162 30.06 8.53 -30.18
C GLY B 162 29.50 7.58 -31.22
N SER B 163 28.43 6.91 -30.82
CA SER B 163 27.71 5.99 -31.68
C SER B 163 26.35 5.77 -31.03
N ASN B 164 25.51 4.97 -31.68
CA ASN B 164 24.20 4.62 -31.11
C ASN B 164 24.32 3.91 -29.76
N LEU B 165 25.42 3.16 -29.59
CA LEU B 165 25.62 2.33 -28.42
C LEU B 165 26.08 3.12 -27.17
N LEU B 166 26.74 4.26 -27.38
CA LEU B 166 27.18 5.15 -26.29
C LEU B 166 26.19 6.27 -25.97
N ASP B 167 25.07 6.32 -26.68
CA ASP B 167 24.05 7.31 -26.40
C ASP B 167 23.52 7.07 -25.01
N LEU B 168 23.32 8.17 -24.27
CA LEU B 168 22.63 8.12 -22.99
C LEU B 168 21.12 8.26 -23.19
N GLU B 169 20.32 7.43 -22.50
CA GLU B 169 18.88 7.49 -22.63
C GLU B 169 18.36 8.91 -22.39
N VAL B 170 18.85 9.58 -21.37
CA VAL B 170 18.28 10.90 -21.03
C VAL B 170 18.58 11.95 -22.12
N VAL B 171 19.73 11.82 -22.79
CA VAL B 171 20.14 12.78 -23.80
C VAL B 171 19.25 12.60 -25.04
N GLN B 172 19.14 11.38 -25.57
CA GLN B 172 18.21 11.09 -26.66
C GLN B 172 16.78 11.50 -26.34
N PHE B 173 16.32 11.26 -25.11
CA PHE B 173 14.96 11.64 -24.75
C PHE B 173 14.75 13.17 -24.87
N ALA B 174 15.68 13.96 -24.35
CA ALA B 174 15.63 15.42 -24.49
C ALA B 174 15.57 15.84 -25.97
N ILE B 175 16.41 15.24 -26.80
CA ILE B 175 16.44 15.56 -28.22
C ILE B 175 15.14 15.20 -28.92
N LYS B 176 14.69 13.96 -28.79
CA LYS B 176 13.40 13.56 -29.38
C LYS B 176 12.23 14.41 -28.88
N SER B 177 12.30 14.88 -27.64
CA SER B 177 11.25 15.73 -27.08
C SER B 177 11.25 17.13 -27.67
N ALA B 178 12.42 17.65 -28.03
CA ALA B 178 12.54 18.96 -28.67
C ALA B 178 12.10 18.96 -30.15
N ASP B 179 12.44 17.91 -30.90
CA ASP B 179 11.92 17.69 -32.26
C ASP B 179 10.40 17.72 -32.33
N GLU B 180 9.77 16.95 -31.45
CA GLU B 180 8.32 16.85 -31.40
C GLU B 180 7.68 18.15 -30.89
N ASP B 181 8.23 18.74 -29.83
CA ASP B 181 7.67 19.99 -29.27
C ASP B 181 8.09 21.29 -30.00
N GLY B 182 9.32 21.35 -30.51
CA GLY B 182 9.88 22.56 -31.16
C GLY B 182 10.72 23.47 -30.25
N THR B 183 11.43 22.85 -29.30
CA THR B 183 12.28 23.54 -28.33
C THR B 183 13.76 23.61 -28.77
N ASN B 184 14.13 22.82 -29.79
CA ASN B 184 15.51 22.81 -30.31
C ASN B 184 15.85 24.05 -31.16
N ILE B 185 14.85 24.86 -31.50
CA ILE B 185 15.07 26.16 -32.12
C ILE B 185 15.72 27.13 -31.11
N GLY B 186 16.77 27.81 -31.55
CA GLY B 186 17.38 28.91 -30.81
C GLY B 186 18.27 28.46 -29.68
N GLU B 187 18.69 29.42 -28.85
CA GLU B 187 19.39 29.11 -27.61
C GLU B 187 18.38 28.49 -26.71
N THR B 188 18.64 27.25 -26.38
CA THR B 188 17.88 26.57 -25.36
C THR B 188 18.48 26.67 -23.96
N ASP B 189 17.56 26.65 -23.01
CA ASP B 189 17.89 26.68 -21.59
C ASP B 189 18.17 25.25 -21.07
N ASN B 190 17.77 24.21 -21.84
CA ASN B 190 17.96 22.79 -21.44
C ASN B 190 19.39 22.32 -21.70
N ILE B 191 20.06 21.98 -20.60
CA ILE B 191 21.45 21.50 -20.60
C ILE B 191 21.74 20.36 -21.60
N PHE B 192 20.81 19.43 -21.78
CA PHE B 192 21.08 18.27 -22.64
C PHE B 192 21.08 18.62 -24.11
N LEU B 193 20.32 19.65 -24.48
CA LEU B 193 20.19 20.04 -25.89
C LEU B 193 21.30 20.97 -26.41
N GLN B 194 22.10 21.52 -25.51
CA GLN B 194 23.17 22.43 -25.92
C GLN B 194 24.31 21.70 -26.62
N GLU B 195 24.95 22.39 -27.56
CA GLU B 195 25.85 21.77 -28.51
C GLU B 195 27.22 21.58 -27.91
N ILE B 196 27.81 20.42 -28.20
CA ILE B 196 29.18 20.13 -27.83
C ILE B 196 30.07 20.63 -28.96
N LEU B 197 31.02 21.50 -28.61
CA LEU B 197 32.04 21.98 -29.54
C LEU B 197 33.09 20.86 -29.69
N PRO B 198 33.55 20.59 -30.93
CA PRO B 198 34.64 19.62 -31.09
C PRO B 198 35.94 20.17 -30.51
N VAL B 199 36.82 19.28 -30.07
CA VAL B 199 38.18 19.68 -29.66
C VAL B 199 39.17 19.12 -30.68
N ASN B 200 40.29 19.81 -30.84
CA ASN B 200 41.26 19.47 -31.88
C ASN B 200 42.62 19.05 -31.35
N SER B 201 42.97 19.49 -30.15
CA SER B 201 44.21 19.03 -29.48
C SER B 201 43.90 18.36 -28.15
N GLU B 202 44.87 17.63 -27.64
CA GLU B 202 44.80 17.06 -26.31
C GLU B 202 44.99 18.14 -25.25
N GLU B 203 45.84 19.12 -25.54
CA GLU B 203 46.02 20.29 -24.67
C GLU B 203 44.66 21.00 -24.41
N GLU B 204 43.81 21.06 -25.43
CA GLU B 204 42.47 21.67 -25.32
C GLU B 204 41.53 20.82 -24.48
N PHE B 205 41.54 19.50 -24.72
CA PHE B 205 40.76 18.54 -23.92
C PHE B 205 41.11 18.63 -22.44
N GLN B 206 42.40 18.59 -22.14
CA GLN B 206 42.95 18.73 -20.79
C GLN B 206 42.48 20.00 -20.08
N THR B 207 42.49 21.12 -20.80
CA THR B 207 42.09 22.40 -20.24
C THR B 207 40.62 22.34 -19.86
N LEU B 208 39.77 22.01 -20.83
CA LEU B 208 38.33 21.87 -20.62
C LEU B 208 37.99 20.78 -19.57
N SER B 209 38.72 19.67 -19.62
CA SER B 209 38.55 18.59 -18.65
C SER B 209 38.71 19.09 -17.21
N ALA B 210 39.79 19.81 -16.95
CA ALA B 210 40.06 20.32 -15.61
C ALA B 210 39.05 21.37 -15.15
N ALA B 211 38.45 22.10 -16.09
CA ALA B 211 37.37 23.03 -15.77
C ALA B 211 36.09 22.26 -15.37
N TRP B 212 35.79 21.20 -16.11
CA TRP B 212 34.73 20.25 -15.77
C TRP B 212 35.00 19.65 -14.40
N HIS B 213 36.24 19.23 -14.18
CA HIS B 213 36.66 18.64 -12.91
C HIS B 213 36.33 19.55 -11.73
N SER B 214 36.60 20.83 -11.89
CA SER B 214 36.31 21.81 -10.86
C SER B 214 34.81 21.90 -10.58
N ILE B 215 34.03 21.97 -11.66
CA ILE B 215 32.56 22.04 -11.54
C ILE B 215 31.97 20.81 -10.85
N LEU B 216 32.38 19.63 -11.31
CA LEU B 216 31.85 18.37 -10.79
C LEU B 216 32.24 18.17 -9.35
N ASP B 217 33.47 18.52 -8.97
CA ASP B 217 33.88 18.46 -7.55
C ASP B 217 32.97 19.37 -6.69
N GLY B 218 32.59 20.53 -7.25
CA GLY B 218 31.66 21.42 -6.61
C GLY B 218 30.30 20.78 -6.34
N LYS B 219 29.80 20.04 -7.34
CA LYS B 219 28.51 19.35 -7.23
C LYS B 219 28.58 18.21 -6.25
N LEU B 220 29.68 17.47 -6.26
CA LEU B 220 29.84 16.36 -5.33
C LEU B 220 29.97 16.79 -3.86
N SER B 221 30.53 17.97 -3.60
CA SER B 221 30.59 18.53 -2.24
C SER B 221 29.22 18.98 -1.73
N ALA B 222 28.44 19.62 -2.59
CA ALA B 222 27.04 19.90 -2.31
C ALA B 222 26.25 18.61 -2.04
N LEU B 223 26.51 17.56 -2.83
CA LEU B 223 25.87 16.23 -2.66
C LEU B 223 26.23 15.62 -1.32
N ASP B 224 27.53 15.58 -1.03
CA ASP B 224 28.04 15.14 0.27
C ASP B 224 27.41 15.89 1.45
N GLU B 225 27.34 17.21 1.33
CA GLU B 225 26.73 18.01 2.35
C GLU B 225 25.27 17.62 2.59
N GLU B 226 24.50 17.45 1.52
CA GLU B 226 23.10 17.02 1.63
C GLU B 226 22.93 15.58 2.12
N PHE B 227 23.81 14.67 1.72
CA PHE B 227 23.83 13.33 2.27
C PHE B 227 24.18 13.33 3.77
N ASP B 228 25.01 14.26 4.22
CA ASP B 228 25.30 14.42 5.68
C ASP B 228 24.04 14.91 6.45
N VAL B 229 23.33 15.86 5.85
CA VAL B 229 22.09 16.37 6.45
C VAL B 229 21.05 15.26 6.59
N VAL B 230 20.80 14.50 5.52
CA VAL B 230 19.81 13.43 5.60
C VAL B 230 20.27 12.27 6.53
N ALA B 231 21.56 11.97 6.58
CA ALA B 231 22.03 10.95 7.54
C ALA B 231 21.74 11.42 8.99
N THR B 232 21.85 12.73 9.20
CA THR B 232 21.60 13.32 10.51
C THR B 232 20.10 13.24 10.80
N LYS B 233 19.30 13.60 9.81
CA LYS B 233 17.85 13.52 9.89
C LYS B 233 17.45 12.09 10.27
N TRP B 234 18.01 11.09 9.59
CA TRP B 234 17.70 9.68 9.88
C TRP B 234 18.11 9.30 11.28
N HIS B 235 19.25 9.82 11.73
CA HIS B 235 19.64 9.63 13.11
C HIS B 235 18.63 10.24 14.10
N ASP B 236 18.29 11.51 13.90
CA ASP B 236 17.45 12.23 14.87
C ASP B 236 16.00 11.69 14.89
N LYS B 237 15.45 11.41 13.70
CA LYS B 237 14.05 11.02 13.58
C LYS B 237 13.78 9.52 13.76
N PHE B 238 14.78 8.66 13.51
CA PHE B 238 14.60 7.20 13.58
C PHE B 238 15.62 6.46 14.44
N GLY B 239 16.91 6.64 14.21
CA GLY B 239 17.94 5.81 14.84
C GLY B 239 17.98 5.92 16.33
N LYS B 240 18.04 7.17 16.80
CA LYS B 240 18.08 7.44 18.24
C LYS B 240 16.68 7.11 18.88
N LEU B 241 16.65 6.16 19.82
CA LEU B 241 15.47 5.91 20.70
C LEU B 241 15.49 6.90 21.87
N LYS B 242 14.33 7.00 22.53
CA LYS B 242 14.16 7.66 23.84
C LYS B 242 14.03 6.57 24.93
N ASP C 3 -41.93 2.96 44.30
CA ASP C 3 -41.83 3.34 42.86
C ASP C 3 -41.94 4.86 42.66
N ILE C 4 -40.83 5.46 42.25
CA ILE C 4 -40.80 6.87 41.83
C ILE C 4 -41.83 7.04 40.72
N LYS C 5 -42.55 8.16 40.75
CA LYS C 5 -43.70 8.39 39.85
C LYS C 5 -43.54 9.60 38.92
N VAL C 6 -44.21 9.50 37.78
CA VAL C 6 -44.24 10.59 36.78
C VAL C 6 -44.91 11.89 37.26
N THR C 7 -44.56 13.01 36.63
CA THR C 7 -45.10 14.34 36.86
C THR C 7 -45.59 14.86 35.50
N PRO C 8 -46.37 15.97 35.45
CA PRO C 8 -46.63 16.58 34.12
C PRO C 8 -45.36 17.14 33.45
N GLY C 9 -44.42 17.64 34.26
CA GLY C 9 -43.09 18.04 33.79
C GLY C 9 -42.15 16.97 33.24
N THR C 10 -42.47 15.69 33.41
CA THR C 10 -41.67 14.54 32.92
C THR C 10 -41.53 14.50 31.40
N SER C 11 -42.62 14.75 30.71
CA SER C 11 -42.64 14.82 29.24
C SER C 11 -41.48 15.71 28.70
N GLU C 12 -41.34 16.92 29.23
CA GLU C 12 -40.33 17.86 28.75
C GLU C 12 -38.90 17.47 29.13
N LEU C 13 -38.75 16.76 30.25
CA LEU C 13 -37.44 16.26 30.67
C LEU C 13 -36.88 15.23 29.69
N VAL C 14 -37.75 14.34 29.21
CA VAL C 14 -37.41 13.37 28.20
C VAL C 14 -37.03 14.08 26.90
N GLU C 15 -37.90 14.98 26.45
CA GLU C 15 -37.64 15.72 25.21
C GLU C 15 -36.29 16.44 25.27
N GLN C 16 -35.96 16.98 26.42
CA GLN C 16 -34.67 17.67 26.59
C GLN C 16 -33.45 16.75 26.51
N ILE C 17 -33.59 15.57 27.09
CA ILE C 17 -32.53 14.55 27.03
C ILE C 17 -32.33 14.11 25.57
N LEU C 18 -33.42 13.74 24.91
CA LEU C 18 -33.37 13.35 23.50
C LEU C 18 -32.80 14.44 22.59
N ALA C 19 -33.00 15.71 22.93
CA ALA C 19 -32.46 16.80 22.12
C ALA C 19 -30.92 16.79 22.09
N LEU C 20 -30.30 16.45 23.22
CA LEU C 20 -28.84 16.28 23.28
C LEU C 20 -28.38 15.22 22.32
N LEU C 21 -29.04 14.07 22.37
CA LEU C 21 -28.72 12.98 21.47
C LEU C 21 -28.81 13.43 20.02
N SER C 22 -29.86 14.18 19.69
CA SER C 22 -30.03 14.71 18.38
C SER C 22 -28.93 15.69 17.99
N ARG C 23 -28.47 16.50 18.93
CA ARG C 23 -27.36 17.41 18.67
C ARG C 23 -26.04 16.65 18.40
N TYR C 24 -25.80 15.59 19.19
CA TYR C 24 -24.64 14.72 19.04
C TYR C 24 -24.68 14.06 17.66
N LEU C 25 -25.81 13.48 17.30
CA LEU C 25 -25.95 12.84 16.01
C LEU C 25 -25.75 13.83 14.88
N SER C 26 -26.35 15.00 15.02
CA SER C 26 -26.35 16.00 13.95
C SER C 26 -24.95 16.56 13.70
N SER C 27 -24.16 16.77 14.76
CA SER C 27 -22.76 17.24 14.58
C SER C 27 -21.99 16.31 13.64
N TYR C 28 -22.13 14.99 13.88
CA TYR C 28 -21.47 14.00 13.07
C TYR C 28 -22.00 14.00 11.65
N ILE C 29 -23.32 14.02 11.50
CA ILE C 29 -23.92 13.97 10.18
C ILE C 29 -23.43 15.16 9.30
N HIS C 30 -23.32 16.35 9.90
N HIS C 30 -23.32 16.36 9.89
CA HIS C 30 -22.91 17.53 9.13
CA HIS C 30 -22.90 17.57 9.14
C HIS C 30 -21.46 17.38 8.62
C HIS C 30 -21.46 17.39 8.62
N VAL C 31 -20.53 17.05 9.52
CA VAL C 31 -19.11 16.94 9.18
C VAL C 31 -18.86 15.77 8.23
N LEU C 32 -19.60 14.68 8.44
CA LEU C 32 -19.49 13.51 7.56
C LEU C 32 -20.02 13.76 6.16
N ASN C 33 -21.11 14.52 6.05
CA ASN C 33 -21.64 14.91 4.74
C ASN C 33 -20.59 15.67 3.94
N LYS C 34 -19.84 16.54 4.62
CA LYS C 34 -18.78 17.28 4.00
C LYS C 34 -17.69 16.35 3.58
N PHE C 35 -17.26 15.49 4.49
CA PHE C 35 -16.15 14.62 4.22
C PHE C 35 -16.50 13.72 3.05
N ILE C 36 -17.70 13.15 3.06
CA ILE C 36 -18.14 12.26 1.98
C ILE C 36 -18.08 12.95 0.61
N SER C 37 -18.43 14.23 0.59
CA SER C 37 -18.39 15.03 -0.65
C SER C 37 -16.96 15.24 -1.16
N HIS C 38 -16.05 15.60 -0.27
CA HIS C 38 -14.65 15.71 -0.60
C HIS C 38 -14.14 14.40 -1.13
N LEU C 39 -14.47 13.31 -0.44
CA LEU C 39 -13.99 11.98 -0.83
C LEU C 39 -14.45 11.48 -2.18
N ARG C 40 -15.55 12.01 -2.69
N ARG C 40 -15.56 11.98 -2.71
CA ARG C 40 -15.97 11.74 -4.05
CA ARG C 40 -15.92 11.64 -4.10
C ARG C 40 -14.88 12.03 -5.10
C ARG C 40 -14.84 11.97 -5.10
N ARG C 41 -13.98 12.96 -4.81
CA ARG C 41 -12.94 13.36 -5.76
C ARG C 41 -11.66 12.56 -5.61
N VAL C 42 -11.62 11.61 -4.66
CA VAL C 42 -10.45 10.75 -4.43
C VAL C 42 -10.78 9.30 -4.85
N ALA C 43 -10.25 8.89 -5.98
CA ALA C 43 -10.56 7.57 -6.58
C ALA C 43 -10.16 6.41 -5.68
N THR C 44 -9.02 6.54 -5.00
CA THR C 44 -8.51 5.46 -4.15
C THR C 44 -9.28 5.27 -2.84
N LEU C 45 -10.14 6.24 -2.48
CA LEU C 45 -10.94 6.14 -1.27
C LEU C 45 -12.40 5.88 -1.55
N ARG C 46 -12.69 5.33 -2.74
CA ARG C 46 -14.05 5.09 -3.20
C ARG C 46 -14.85 4.18 -2.27
N PHE C 47 -14.26 3.10 -1.78
CA PHE C 47 -15.03 2.13 -0.98
C PHE C 47 -15.09 2.53 0.47
N GLU C 48 -14.04 3.19 0.95
CA GLU C 48 -14.06 3.76 2.29
C GLU C 48 -15.22 4.77 2.41
N ARG C 49 -15.39 5.54 1.34
CA ARG C 49 -16.47 6.49 1.22
C ARG C 49 -17.84 5.80 1.37
N THR C 50 -18.05 4.69 0.67
CA THR C 50 -19.32 3.99 0.80
C THR C 50 -19.53 3.46 2.22
N THR C 51 -18.45 3.04 2.88
CA THR C 51 -18.57 2.63 4.28
C THR C 51 -19.07 3.79 5.14
N LEU C 52 -18.47 4.98 4.96
CA LEU C 52 -18.92 6.16 5.68
C LEU C 52 -20.39 6.53 5.41
N ILE C 53 -20.80 6.37 4.17
CA ILE C 53 -22.19 6.62 3.83
C ILE C 53 -23.07 5.67 4.65
N LYS C 54 -22.71 4.40 4.72
CA LYS C 54 -23.51 3.47 5.47
C LYS C 54 -23.65 3.90 6.92
N PHE C 55 -22.55 4.32 7.50
CA PHE C 55 -22.57 4.80 8.88
C PHE C 55 -23.44 6.05 8.97
N VAL C 56 -23.25 7.02 8.08
CA VAL C 56 -23.95 8.29 8.24
C VAL C 56 -25.45 8.10 8.09
N LYS C 57 -25.85 7.19 7.21
CA LYS C 57 -27.25 6.82 7.06
C LYS C 57 -27.83 6.33 8.35
N LYS C 58 -27.07 5.51 9.07
CA LYS C 58 -27.54 4.97 10.34
C LYS C 58 -27.73 6.08 11.35
N LEU C 59 -26.76 6.97 11.46
CA LEU C 59 -26.89 8.14 12.34
C LEU C 59 -28.08 9.04 11.98
N ARG C 60 -28.21 9.32 10.69
CA ARG C 60 -29.33 10.10 10.16
C ARG C 60 -30.67 9.47 10.54
N PHE C 61 -30.76 8.14 10.46
CA PHE C 61 -32.00 7.44 10.82
C PHE C 61 -32.30 7.57 12.33
N TYR C 62 -31.29 7.38 13.18
CA TYR C 62 -31.45 7.58 14.59
C TYR C 62 -31.88 9.02 14.88
N ASN C 63 -31.34 9.96 14.15
CA ASN C 63 -31.72 11.35 14.32
C ASN C 63 -33.19 11.60 13.91
N ASP C 64 -33.65 11.06 12.79
CA ASP C 64 -35.08 11.23 12.40
C ASP C 64 -35.97 10.53 13.43
N SER C 65 -35.57 9.34 13.84
CA SER C 65 -36.31 8.62 14.85
C SER C 65 -36.48 9.49 16.09
N VAL C 66 -35.37 10.00 16.62
CA VAL C 66 -35.38 10.84 17.84
C VAL C 66 -36.21 12.11 17.64
N LEU C 67 -35.99 12.84 16.56
CA LEU C 67 -36.75 14.09 16.28
C LEU C 67 -38.27 13.86 16.09
N SER C 68 -38.67 12.72 15.52
CA SER C 68 -40.11 12.36 15.41
C SER C 68 -40.77 11.78 16.66
N TYR C 69 -39.99 11.39 17.65
CA TYR C 69 -40.53 10.80 18.88
C TYR C 69 -41.25 11.86 19.67
N ASN C 70 -42.56 11.69 19.80
CA ASN C 70 -43.38 12.52 20.68
C ASN C 70 -43.47 11.84 22.05
N ALA C 71 -42.75 12.38 23.03
CA ALA C 71 -42.62 11.73 24.34
C ALA C 71 -43.95 11.55 25.07
N SER C 72 -44.79 12.59 25.03
CA SER C 72 -46.12 12.59 25.65
C SER C 72 -47.02 11.42 25.21
N GLU C 73 -46.89 10.99 23.96
CA GLU C 73 -47.62 9.82 23.45
C GLU C 73 -47.23 8.47 24.11
N PHE C 74 -46.17 8.46 24.91
CA PHE C 74 -45.70 7.23 25.59
C PHE C 74 -45.63 7.35 27.11
N ILE C 75 -46.11 8.47 27.66
CA ILE C 75 -46.10 8.72 29.10
C ILE C 75 -47.56 8.90 29.58
N ASN C 76 -48.07 7.95 30.38
CA ASN C 76 -49.42 8.08 31.06
C ASN C 76 -49.70 9.24 32.04
N GLU C 77 -48.64 9.91 32.45
CA GLU C 77 -48.70 11.10 33.33
C GLU C 77 -49.33 11.05 34.78
N GLY C 78 -49.04 12.09 35.56
CA GLY C 78 -49.67 12.28 36.84
C GLY C 78 -50.91 13.10 36.61
N LYS C 79 -51.89 12.80 37.46
CA LYS C 79 -53.22 13.32 37.38
C LYS C 79 -53.14 14.51 38.34
N ASN C 80 -52.93 14.19 39.62
CA ASN C 80 -52.29 15.08 40.61
C ASN C 80 -51.06 14.41 41.27
N GLU C 81 -51.23 13.15 41.67
CA GLU C 81 -50.17 12.35 42.29
C GLU C 81 -50.57 10.90 42.66
N LEU C 82 -51.81 10.68 43.06
CA LEU C 82 -52.21 9.38 43.62
C LEU C 82 -52.24 8.17 42.65
N ASP C 83 -52.50 8.37 41.36
CA ASP C 83 -52.99 7.23 40.52
C ASP C 83 -52.09 5.96 40.37
N PRO C 84 -52.53 4.77 40.91
CA PRO C 84 -51.73 3.53 40.69
C PRO C 84 -51.63 2.93 39.24
N GLU C 85 -52.41 3.47 38.29
CA GLU C 85 -52.25 3.18 36.84
C GLU C 85 -51.35 4.16 36.04
N ALA C 86 -51.02 5.33 36.60
CA ALA C 86 -49.98 6.23 36.05
C ALA C 86 -48.63 5.51 35.99
N ASP C 87 -47.77 5.94 35.06
CA ASP C 87 -46.51 5.23 34.78
C ASP C 87 -45.43 5.46 35.85
N SER C 88 -44.62 4.44 36.07
CA SER C 88 -43.36 4.58 36.84
C SER C 88 -42.33 5.39 36.02
N PHE C 89 -41.55 6.21 36.71
CA PHE C 89 -40.46 6.98 36.08
C PHE C 89 -39.41 6.05 35.44
N ASP C 90 -39.05 4.99 36.16
CA ASP C 90 -38.39 3.78 35.63
C ASP C 90 -38.82 3.40 34.20
N LYS C 91 -40.08 3.04 34.07
CA LYS C 91 -40.64 2.59 32.81
C LYS C 91 -40.43 3.61 31.67
N VAL C 92 -40.50 4.90 32.02
CA VAL C 92 -40.42 5.98 31.05
C VAL C 92 -38.98 6.30 30.59
N ILE C 93 -38.03 6.32 31.53
CA ILE C 93 -36.62 6.54 31.21
C ILE C 93 -36.02 5.35 30.46
N LEU C 94 -36.46 4.14 30.79
CA LEU C 94 -35.87 2.91 30.22
C LEU C 94 -35.66 2.92 28.67
N PRO C 95 -36.71 3.16 27.88
CA PRO C 95 -36.46 3.21 26.44
C PRO C 95 -35.61 4.39 25.99
N ILE C 96 -35.57 5.49 26.77
CA ILE C 96 -34.69 6.63 26.41
C ILE C 96 -33.24 6.19 26.60
N ALA C 97 -32.95 5.65 27.78
CA ALA C 97 -31.64 5.11 28.08
C ALA C 97 -31.21 4.09 27.06
N SER C 98 -32.15 3.24 26.68
CA SER C 98 -31.91 2.17 25.76
C SER C 98 -31.52 2.72 24.37
N MET C 99 -32.17 3.80 23.94
CA MET C 99 -31.80 4.50 22.71
C MET C 99 -30.38 5.03 22.82
N PHE C 100 -30.05 5.65 23.96
CA PHE C 100 -28.70 6.17 24.18
C PHE C 100 -27.66 5.09 24.04
N VAL C 101 -27.97 3.91 24.58
CA VAL C 101 -27.03 2.79 24.53
C VAL C 101 -26.79 2.34 23.09
N LYS C 102 -27.85 2.11 22.34
CA LYS C 102 -27.73 1.76 20.93
C LYS C 102 -26.88 2.76 20.14
N SER C 103 -27.04 4.04 20.47
CA SER C 103 -26.39 5.12 19.75
C SER C 103 -24.94 5.15 20.13
N VAL C 104 -24.70 5.09 21.43
CA VAL C 104 -23.36 5.11 21.95
C VAL C 104 -22.52 3.96 21.39
N GLU C 105 -23.09 2.75 21.31
CA GLU C 105 -22.34 1.64 20.71
C GLU C 105 -22.10 1.83 19.19
N THR C 106 -23.02 2.50 18.51
CA THR C 106 -22.84 2.85 17.10
C THR C 106 -21.67 3.84 16.97
N PHE C 107 -21.69 4.91 17.75
CA PHE C 107 -20.57 5.88 17.79
C PHE C 107 -19.23 5.23 18.09
N ASP C 108 -19.22 4.22 18.95
CA ASP C 108 -17.99 3.49 19.26
C ASP C 108 -17.39 2.84 18.00
N LEU C 109 -18.24 2.11 17.27
CA LEU C 109 -17.86 1.48 16.02
C LEU C 109 -17.36 2.51 15.01
N LEU C 110 -18.12 3.59 14.89
CA LEU C 110 -17.81 4.64 13.95
C LEU C 110 -16.50 5.36 14.29
N ASN C 111 -16.32 5.70 15.56
CA ASN C 111 -15.15 6.46 15.95
C ASN C 111 -13.88 5.68 15.69
N TYR C 112 -13.88 4.38 15.96
CA TYR C 112 -12.72 3.54 15.65
C TYR C 112 -12.41 3.58 14.14
N TYR C 113 -13.45 3.44 13.32
CA TYR C 113 -13.25 3.46 11.89
C TYR C 113 -12.73 4.84 11.49
N LEU C 114 -13.49 5.86 11.83
CA LEU C 114 -13.19 7.23 11.46
C LEU C 114 -11.87 7.75 11.94
N THR C 115 -11.55 7.54 13.21
CA THR C 115 -10.40 8.20 13.86
C THR C 115 -9.14 7.37 13.89
N GLN C 116 -9.23 6.07 13.60
CA GLN C 116 -8.10 5.19 13.69
C GLN C 116 -7.79 4.47 12.37
N SER C 117 -8.48 3.39 12.05
CA SER C 117 -8.31 2.67 10.77
C SER C 117 -8.24 3.58 9.55
N LEU C 118 -9.28 4.39 9.36
CA LEU C 118 -9.41 5.15 8.14
C LEU C 118 -8.32 6.20 8.09
N GLN C 119 -7.98 6.75 9.24
CA GLN C 119 -6.93 7.74 9.30
C GLN C 119 -5.64 7.15 8.80
N LYS C 120 -5.31 5.95 9.28
CA LYS C 120 -4.09 5.28 8.82
C LYS C 120 -4.18 4.97 7.31
N GLU C 121 -5.36 4.52 6.88
CA GLU C 121 -5.55 4.17 5.50
C GLU C 121 -5.41 5.39 4.57
N ILE C 122 -5.92 6.52 5.02
CA ILE C 122 -5.81 7.76 4.24
C ILE C 122 -4.36 8.15 3.99
N LEU C 123 -3.53 8.07 5.03
CA LEU C 123 -2.08 8.36 4.87
C LEU C 123 -1.41 7.34 3.96
N SER C 124 -1.75 6.07 4.13
CA SER C 124 -1.14 5.02 3.34
C SER C 124 -1.42 5.23 1.86
N LYS C 125 -2.68 5.50 1.54
CA LYS C 125 -3.15 5.61 0.16
C LYS C 125 -2.82 6.92 -0.55
N THR C 126 -2.89 8.03 0.17
CA THR C 126 -2.74 9.38 -0.41
C THR C 126 -1.41 10.06 -0.16
N LEU C 127 -0.65 9.60 0.84
CA LEU C 127 0.72 10.09 1.09
C LEU C 127 0.71 11.53 1.56
N ASN C 128 -0.42 11.93 2.13
CA ASN C 128 -0.51 13.25 2.77
C ASN C 128 -1.58 13.33 3.86
N GLU C 129 -1.55 14.48 4.51
CA GLU C 129 -2.43 14.86 5.62
C GLU C 129 -3.64 15.72 5.24
N ASP C 130 -3.88 15.95 3.95
CA ASP C 130 -4.87 16.94 3.55
C ASP C 130 -6.30 16.62 3.96
N LEU C 131 -6.67 15.35 4.00
CA LEU C 131 -7.99 14.90 4.44
C LEU C 131 -7.97 14.03 5.69
N THR C 132 -6.91 14.09 6.50
CA THR C 132 -6.98 13.50 7.83
C THR C 132 -7.70 14.46 8.75
N LEU C 133 -8.17 13.94 9.86
CA LEU C 133 -8.67 14.76 10.97
C LEU C 133 -7.54 15.42 11.72
N THR C 134 -7.85 16.50 12.41
CA THR C 134 -6.92 17.12 13.34
C THR C 134 -6.86 16.29 14.62
N ALA C 135 -5.73 16.38 15.31
CA ALA C 135 -5.57 15.75 16.62
C ALA C 135 -6.62 16.24 17.61
N GLU C 136 -6.92 17.55 17.55
CA GLU C 136 -7.85 18.18 18.46
C GLU C 136 -9.27 17.68 18.21
N SER C 137 -9.65 17.44 16.95
CA SER C 137 -10.96 16.89 16.65
C SER C 137 -11.08 15.48 17.21
N ILE C 138 -10.00 14.70 17.13
CA ILE C 138 -10.02 13.37 17.69
C ILE C 138 -10.18 13.44 19.20
N LEU C 139 -9.47 14.36 19.84
CA LEU C 139 -9.60 14.55 21.29
C LEU C 139 -11.05 14.83 21.66
N ALA C 140 -11.66 15.78 20.96
CA ALA C 140 -13.05 16.18 21.18
C ALA C 140 -14.02 15.04 21.00
N ILE C 141 -13.82 14.28 19.92
CA ILE C 141 -14.63 13.09 19.62
C ILE C 141 -14.62 12.13 20.81
N ASP C 142 -13.42 11.79 21.27
CA ASP C 142 -13.26 10.88 22.41
C ASP C 142 -13.82 11.45 23.71
N ASP C 143 -13.61 12.73 23.95
CA ASP C 143 -14.10 13.38 25.16
C ASP C 143 -15.61 13.37 25.18
N THR C 144 -16.22 13.70 24.05
CA THR C 144 -17.68 13.69 23.94
C THR C 144 -18.25 12.29 24.13
N TYR C 145 -17.63 11.32 23.48
CA TYR C 145 -18.04 9.91 23.63
C TYR C 145 -18.00 9.51 25.09
N ASN C 146 -16.86 9.73 25.73
CA ASN C 146 -16.69 9.35 27.14
C ASN C 146 -17.81 9.89 28.02
N HIS C 147 -18.13 11.17 27.85
CA HIS C 147 -19.16 11.79 28.64
C HIS C 147 -20.56 11.29 28.31
N PHE C 148 -20.88 11.10 27.04
CA PHE C 148 -22.16 10.47 26.75
C PHE C 148 -22.26 9.02 27.28
N VAL C 149 -21.14 8.28 27.29
CA VAL C 149 -21.14 6.95 27.90
C VAL C 149 -21.45 7.06 29.38
N LYS C 150 -20.81 8.02 30.05
CA LYS C 150 -20.97 8.18 31.49
C LYS C 150 -22.36 8.69 31.86
N PHE C 151 -22.86 9.68 31.12
CA PHE C 151 -24.26 10.10 31.26
C PHE C 151 -25.21 8.92 31.09
N SER C 152 -25.00 8.10 30.05
CA SER C 152 -25.86 6.93 29.82
C SER C 152 -25.86 5.99 31.01
N GLN C 153 -24.68 5.80 31.58
CA GLN C 153 -24.51 4.93 32.74
C GLN C 153 -25.18 5.54 33.94
N TRP C 154 -25.05 6.85 34.11
CA TRP C 154 -25.73 7.56 35.20
C TRP C 154 -27.23 7.32 35.17
N MET C 155 -27.88 7.61 34.06
CA MET C 155 -29.31 7.40 33.93
C MET C 155 -29.71 5.98 34.34
N ILE C 156 -28.94 5.00 33.89
CA ILE C 156 -29.32 3.61 34.07
C ILE C 156 -29.09 3.17 35.51
N GLU C 157 -27.90 3.41 36.03
CA GLU C 157 -27.54 2.96 37.40
C GLU C 157 -28.21 3.79 38.51
N SER C 158 -28.43 5.08 38.28
CA SER C 158 -29.14 5.94 39.24
C SER C 158 -30.56 5.46 39.55
N LEU C 159 -31.29 5.00 38.54
CA LEU C 159 -32.61 4.44 38.72
C LEU C 159 -32.64 2.92 38.90
N ARG C 160 -31.47 2.31 39.08
CA ARG C 160 -31.31 0.85 39.14
C ARG C 160 -32.13 0.04 38.11
N ILE C 161 -32.06 0.47 36.85
CA ILE C 161 -32.80 -0.14 35.73
C ILE C 161 -31.91 -0.93 34.78
N GLY C 162 -30.64 -1.09 35.18
CA GLY C 162 -29.66 -1.78 34.38
C GLY C 162 -29.82 -3.29 34.37
N SER C 163 -29.14 -3.90 33.41
CA SER C 163 -29.10 -5.33 33.26
C SER C 163 -27.87 -5.65 32.41
N ASN C 164 -27.64 -6.94 32.20
CA ASN C 164 -26.56 -7.37 31.30
C ASN C 164 -26.74 -6.81 29.86
N LEU C 165 -27.98 -6.64 29.44
CA LEU C 165 -28.29 -6.24 28.07
C LEU C 165 -28.08 -4.75 27.80
N LEU C 166 -28.17 -3.91 28.85
CA LEU C 166 -27.90 -2.46 28.75
C LEU C 166 -26.46 -2.04 29.07
N ASP C 167 -25.62 -3.01 29.39
CA ASP C 167 -24.22 -2.74 29.67
C ASP C 167 -23.57 -2.20 28.41
N LEU C 168 -22.76 -1.17 28.59
CA LEU C 168 -21.95 -0.64 27.50
C LEU C 168 -20.63 -1.38 27.46
N GLU C 169 -20.18 -1.75 26.25
CA GLU C 169 -18.91 -2.45 26.09
C GLU C 169 -17.75 -1.73 26.79
N VAL C 170 -17.66 -0.42 26.59
CA VAL C 170 -16.52 0.30 27.14
C VAL C 170 -16.51 0.35 28.66
N VAL C 171 -17.69 0.35 29.27
CA VAL C 171 -17.82 0.37 30.74
C VAL C 171 -17.41 -0.99 31.34
N GLN C 172 -17.97 -2.09 30.84
CA GLN C 172 -17.50 -3.45 31.24
C GLN C 172 -16.00 -3.67 30.98
N PHE C 173 -15.48 -3.19 29.86
CA PHE C 173 -14.06 -3.33 29.61
C PHE C 173 -13.24 -2.66 30.71
N ALA C 174 -13.57 -1.42 31.05
CA ALA C 174 -12.88 -0.70 32.13
C ALA C 174 -12.91 -1.47 33.45
N ILE C 175 -14.08 -1.98 33.81
CA ILE C 175 -14.23 -2.77 35.02
C ILE C 175 -13.40 -4.06 35.00
N LYS C 176 -13.55 -4.88 33.97
CA LYS C 176 -12.72 -6.09 33.84
C LYS C 176 -11.23 -5.79 33.84
N SER C 177 -10.82 -4.64 33.31
CA SER C 177 -9.40 -4.23 33.29
C SER C 177 -8.87 -3.84 34.66
N ALA C 178 -9.73 -3.26 35.49
CA ALA C 178 -9.37 -2.91 36.87
C ALA C 178 -9.28 -4.15 37.81
N ASP C 179 -10.19 -5.11 37.67
CA ASP C 179 -10.13 -6.42 38.36
C ASP C 179 -8.81 -7.14 38.11
N GLU C 180 -8.43 -7.25 36.85
CA GLU C 180 -7.19 -7.89 36.44
C GLU C 180 -5.98 -7.07 36.89
N ASP C 181 -6.04 -5.74 36.73
CA ASP C 181 -5.04 -4.76 37.22
C ASP C 181 -5.26 -4.11 38.61
N GLY C 182 -5.19 -4.89 39.69
CA GLY C 182 -4.71 -4.34 40.95
C GLY C 182 -5.71 -3.46 41.69
N ASP C 189 -7.87 9.68 37.65
CA ASP C 189 -8.65 8.49 37.90
C ASP C 189 -9.67 8.30 36.76
N ASN C 190 -10.07 7.05 36.57
CA ASN C 190 -10.85 6.63 35.40
C ASN C 190 -12.36 6.87 35.55
N ILE C 191 -12.86 7.72 34.66
CA ILE C 191 -14.27 8.09 34.61
C ILE C 191 -15.25 6.91 34.64
N PHE C 192 -14.93 5.82 33.96
CA PHE C 192 -15.90 4.72 33.83
C PHE C 192 -16.04 3.92 35.11
N LEU C 193 -14.98 3.89 35.93
CA LEU C 193 -14.98 3.11 37.16
C LEU C 193 -15.62 3.80 38.35
N GLN C 194 -15.87 5.09 38.25
CA GLN C 194 -16.45 5.83 39.36
C GLN C 194 -17.91 5.47 39.59
N GLU C 195 -18.33 5.54 40.85
CA GLU C 195 -19.60 4.97 41.26
C GLU C 195 -20.75 5.92 40.97
N ILE C 196 -21.85 5.35 40.51
CA ILE C 196 -23.09 6.08 40.33
C ILE C 196 -23.90 6.03 41.64
N LEU C 197 -24.25 7.21 42.15
CA LEU C 197 -25.08 7.33 43.35
C LEU C 197 -26.51 7.12 42.93
N PRO C 198 -27.29 6.38 43.73
CA PRO C 198 -28.69 6.18 43.38
C PRO C 198 -29.45 7.46 43.62
N VAL C 199 -30.56 7.63 42.91
CA VAL C 199 -31.43 8.73 43.10
C VAL C 199 -32.77 8.23 43.63
N ASN C 200 -33.45 9.06 44.44
CA ASN C 200 -34.66 8.65 45.14
C ASN C 200 -35.94 9.39 44.73
N SER C 201 -35.81 10.61 44.23
CA SER C 201 -36.94 11.35 43.67
C SER C 201 -36.71 11.69 42.20
N GLU C 202 -37.79 12.05 41.52
CA GLU C 202 -37.71 12.58 40.17
C GLU C 202 -37.18 14.01 40.17
N GLU C 203 -37.51 14.78 41.19
CA GLU C 203 -36.96 16.11 41.41
C GLU C 203 -35.41 16.08 41.45
N GLU C 204 -34.85 15.05 42.07
CA GLU C 204 -33.39 14.87 42.14
C GLU C 204 -32.82 14.49 40.76
N PHE C 205 -33.47 13.57 40.05
CA PHE C 205 -33.07 13.15 38.69
C PHE C 205 -33.03 14.36 37.77
N GLN C 206 -34.10 15.13 37.77
CA GLN C 206 -34.22 16.37 37.01
C GLN C 206 -33.06 17.35 37.26
N THR C 207 -32.71 17.52 38.53
CA THR C 207 -31.68 18.48 38.91
C THR C 207 -30.36 18.02 38.30
N LEU C 208 -29.99 16.77 38.61
CA LEU C 208 -28.75 16.17 38.10
C LEU C 208 -28.74 16.07 36.57
N SER C 209 -29.89 15.75 35.98
CA SER C 209 -30.05 15.69 34.55
C SER C 209 -29.68 17.01 33.89
N ALA C 210 -30.23 18.11 34.39
CA ALA C 210 -29.96 19.44 33.83
C ALA C 210 -28.50 19.88 34.01
N ALA C 211 -27.84 19.39 35.06
CA ALA C 211 -26.40 19.64 35.26
C ALA C 211 -25.57 18.88 34.22
N TRP C 212 -25.97 17.62 33.95
CA TRP C 212 -25.41 16.81 32.87
C TRP C 212 -25.63 17.51 31.54
N HIS C 213 -26.86 17.97 31.34
CA HIS C 213 -27.24 18.70 30.12
C HIS C 213 -26.28 19.85 29.84
N SER C 214 -25.96 20.62 30.86
CA SER C 214 -25.06 21.75 30.73
C SER C 214 -23.67 21.27 30.31
N ILE C 215 -23.16 20.23 30.97
CA ILE C 215 -21.84 19.67 30.66
C ILE C 215 -21.76 19.16 29.22
N LEU C 216 -22.74 18.36 28.84
CA LEU C 216 -22.74 17.75 27.53
C LEU C 216 -22.88 18.79 26.42
N ASP C 217 -23.73 19.81 26.62
CA ASP C 217 -23.82 20.93 25.64
C ASP C 217 -22.45 21.59 25.48
N GLY C 218 -21.70 21.72 26.58
CA GLY C 218 -20.34 22.24 26.56
C GLY C 218 -19.41 21.43 25.69
N LYS C 219 -19.53 20.10 25.79
CA LYS C 219 -18.71 19.18 25.01
C LYS C 219 -19.10 19.23 23.54
N LEU C 220 -20.40 19.29 23.27
CA LEU C 220 -20.87 19.35 21.88
C LEU C 220 -20.48 20.63 21.15
N SER C 221 -20.36 21.74 21.88
CA SER C 221 -19.89 23.01 21.28
C SER C 221 -18.41 22.97 20.93
N ALA C 222 -17.61 22.42 21.84
CA ALA C 222 -16.20 22.16 21.57
C ALA C 222 -16.07 21.25 20.34
N LEU C 223 -16.92 20.22 20.24
CA LEU C 223 -16.93 19.27 19.12
C LEU C 223 -17.24 20.00 17.82
N ASP C 224 -18.34 20.75 17.84
CA ASP C 224 -18.72 21.61 16.71
C ASP C 224 -17.59 22.53 16.25
N GLU C 225 -16.96 23.18 17.20
CA GLU C 225 -15.86 24.06 16.90
C GLU C 225 -14.71 23.32 16.18
N GLU C 226 -14.33 22.14 16.68
CA GLU C 226 -13.30 21.34 16.05
C GLU C 226 -13.72 20.74 14.70
N PHE C 227 -14.99 20.37 14.56
CA PHE C 227 -15.51 19.97 13.25
C PHE C 227 -15.49 21.13 12.23
N ASP C 228 -15.68 22.37 12.70
CA ASP C 228 -15.57 23.53 11.83
C ASP C 228 -14.11 23.74 11.35
N VAL C 229 -13.18 23.57 12.29
CA VAL C 229 -11.76 23.70 11.98
C VAL C 229 -11.34 22.69 10.94
N VAL C 230 -11.70 21.43 11.12
CA VAL C 230 -11.36 20.43 10.09
C VAL C 230 -12.05 20.64 8.76
N ALA C 231 -13.30 21.06 8.77
CA ALA C 231 -13.98 21.31 7.49
C ALA C 231 -13.20 22.42 6.72
N THR C 232 -12.65 23.36 7.46
CA THR C 232 -11.89 24.44 6.89
C THR C 232 -10.59 23.90 6.35
N LYS C 233 -9.93 23.08 7.17
CA LYS C 233 -8.69 22.40 6.77
C LYS C 233 -8.90 21.65 5.48
N TRP C 234 -9.99 20.87 5.39
CA TRP C 234 -10.30 20.13 4.17
C TRP C 234 -10.49 21.03 2.99
N HIS C 235 -11.16 22.17 3.23
CA HIS C 235 -11.32 23.14 2.18
C HIS C 235 -9.96 23.67 1.70
N ASP C 236 -9.13 24.13 2.63
CA ASP C 236 -7.89 24.81 2.27
C ASP C 236 -6.89 23.85 1.64
N LYS C 237 -6.80 22.65 2.18
CA LYS C 237 -5.79 21.69 1.74
C LYS C 237 -6.20 20.80 0.57
N PHE C 238 -7.49 20.55 0.37
CA PHE C 238 -7.96 19.64 -0.70
C PHE C 238 -8.99 20.28 -1.66
N GLY C 239 -10.06 20.84 -1.12
CA GLY C 239 -11.20 21.27 -1.94
C GLY C 239 -10.84 22.35 -2.94
N LYS C 240 -10.21 23.41 -2.42
CA LYS C 240 -9.92 24.58 -3.25
C LYS C 240 -8.97 24.38 -4.34
N LEU C 241 -8.95 25.32 -5.30
CA LEU C 241 -8.29 25.16 -6.59
C LEU C 241 -6.79 25.50 -6.62
N LYS C 242 -6.06 24.88 -7.54
CA LYS C 242 -4.57 25.05 -7.63
C LYS C 242 -4.09 24.73 -9.04
N ASP D 3 -52.29 -5.38 30.14
CA ASP D 3 -53.26 -6.51 30.00
C ASP D 3 -52.58 -7.89 30.18
N ILE D 4 -51.87 -8.35 29.15
CA ILE D 4 -51.35 -9.73 29.11
C ILE D 4 -50.36 -9.93 30.26
N LYS D 5 -50.42 -11.10 30.91
CA LYS D 5 -49.66 -11.37 32.14
C LYS D 5 -48.68 -12.52 32.01
N VAL D 6 -47.63 -12.44 32.83
CA VAL D 6 -46.62 -13.49 32.91
C VAL D 6 -47.13 -14.86 33.45
N THR D 7 -46.37 -15.92 33.17
CA THR D 7 -46.58 -17.26 33.73
C THR D 7 -45.22 -17.72 34.32
N PRO D 8 -45.19 -18.86 35.06
CA PRO D 8 -43.87 -19.40 35.42
C PRO D 8 -43.04 -19.87 34.21
N GLY D 9 -43.72 -20.34 33.15
CA GLY D 9 -43.08 -20.66 31.87
C GLY D 9 -42.47 -19.52 31.05
N THR D 10 -42.75 -18.27 31.39
CA THR D 10 -42.23 -17.08 30.70
C THR D 10 -40.71 -16.96 30.74
N SER D 11 -40.13 -17.25 31.91
CA SER D 11 -38.68 -17.25 32.10
C SER D 11 -37.94 -18.03 31.00
N GLU D 12 -38.38 -19.26 30.74
CA GLU D 12 -37.73 -20.11 29.74
C GLU D 12 -37.96 -19.64 28.29
N LEU D 13 -39.09 -18.99 28.04
CA LEU D 13 -39.40 -18.44 26.70
C LEU D 13 -38.41 -17.34 26.32
N VAL D 14 -38.10 -16.48 27.29
CA VAL D 14 -37.09 -15.45 27.11
C VAL D 14 -35.71 -16.07 26.87
N GLU D 15 -35.29 -17.00 27.73
CA GLU D 15 -33.99 -17.67 27.62
C GLU D 15 -33.87 -18.31 26.23
N GLN D 16 -34.95 -18.89 25.73
CA GLN D 16 -34.92 -19.53 24.41
C GLN D 16 -34.76 -18.56 23.25
N ILE D 17 -35.44 -17.41 23.34
CA ILE D 17 -35.28 -16.34 22.37
C ILE D 17 -33.82 -15.84 22.39
N LEU D 18 -33.31 -15.50 23.57
CA LEU D 18 -31.94 -15.03 23.70
C LEU D 18 -30.91 -16.02 23.18
N ALA D 19 -31.22 -17.31 23.26
CA ALA D 19 -30.27 -18.33 22.80
C ALA D 19 -30.06 -18.24 21.30
N LEU D 20 -31.13 -17.92 20.56
CA LEU D 20 -31.02 -17.67 19.13
C LEU D 20 -30.04 -16.55 18.84
N LEU D 21 -30.21 -15.43 19.53
CA LEU D 21 -29.37 -14.29 19.34
C LEU D 21 -27.92 -14.67 19.59
N SER D 22 -27.69 -15.46 20.63
CA SER D 22 -26.34 -15.92 20.93
C SER D 22 -25.78 -16.81 19.85
N ARG D 23 -26.63 -17.64 19.25
CA ARG D 23 -26.20 -18.50 18.15
C ARG D 23 -25.81 -17.67 16.92
N TYR D 24 -26.63 -16.66 16.62
CA TYR D 24 -26.38 -15.71 15.52
C TYR D 24 -25.04 -15.00 15.75
N LEU D 25 -24.86 -14.45 16.95
CA LEU D 25 -23.60 -13.75 17.27
C LEU D 25 -22.41 -14.68 17.16
N SER D 26 -22.57 -15.89 17.68
CA SER D 26 -21.44 -16.83 17.79
C SER D 26 -21.00 -17.32 16.41
N SER D 27 -21.95 -17.53 15.51
CA SER D 27 -21.58 -17.91 14.15
C SER D 27 -20.60 -16.90 13.54
N TYR D 28 -20.92 -15.62 13.69
CA TYR D 28 -20.08 -14.54 13.15
C TYR D 28 -18.74 -14.52 13.85
N ILE D 29 -18.75 -14.61 15.17
CA ILE D 29 -17.50 -14.50 15.91
C ILE D 29 -16.52 -15.59 15.50
N HIS D 30 -17.02 -16.80 15.28
CA HIS D 30 -16.14 -17.91 14.91
C HIS D 30 -15.50 -17.67 13.55
N VAL D 31 -16.30 -17.35 12.53
CA VAL D 31 -15.81 -17.16 11.18
C VAL D 31 -14.91 -15.92 11.06
N LEU D 32 -15.26 -14.86 11.79
CA LEU D 32 -14.43 -13.68 11.84
C LEU D 32 -13.08 -13.88 12.53
N ASN D 33 -13.05 -14.68 13.59
CA ASN D 33 -11.78 -15.00 14.22
C ASN D 33 -10.82 -15.67 13.24
N LYS D 34 -11.37 -16.56 12.43
CA LYS D 34 -10.60 -17.26 11.41
C LYS D 34 -10.13 -16.30 10.37
N PHE D 35 -11.03 -15.47 9.88
CA PHE D 35 -10.65 -14.51 8.86
C PHE D 35 -9.57 -13.57 9.36
N ILE D 36 -9.74 -13.04 10.57
CA ILE D 36 -8.77 -12.10 11.14
C ILE D 36 -7.37 -12.73 11.22
N SER D 37 -7.30 -14.01 11.55
CA SER D 37 -6.03 -14.75 11.56
C SER D 37 -5.36 -14.88 10.18
N HIS D 38 -6.16 -15.27 9.20
CA HIS D 38 -5.66 -15.31 7.82
C HIS D 38 -5.15 -13.94 7.35
N LEU D 39 -5.94 -12.89 7.64
CA LEU D 39 -5.56 -11.53 7.26
C LEU D 39 -4.25 -11.04 7.85
N ARG D 40 -3.80 -11.64 8.96
CA ARG D 40 -2.49 -11.32 9.51
C ARG D 40 -1.38 -11.41 8.48
N ARG D 41 -1.54 -12.34 7.56
CA ARG D 41 -0.50 -12.61 6.58
C ARG D 41 -0.57 -11.71 5.33
N VAL D 42 -1.55 -10.80 5.25
CA VAL D 42 -1.69 -9.87 4.12
C VAL D 42 -1.40 -8.44 4.52
N ALA D 43 -0.24 -7.93 4.12
CA ALA D 43 0.27 -6.63 4.61
C ALA D 43 -0.62 -5.47 4.21
N THR D 44 -1.20 -5.55 3.00
CA THR D 44 -2.05 -4.50 2.50
C THR D 44 -3.42 -4.43 3.16
N LEU D 45 -3.82 -5.46 3.91
CA LEU D 45 -5.11 -5.47 4.58
C LEU D 45 -5.02 -5.23 6.08
N ARG D 46 -3.90 -4.65 6.52
CA ARG D 46 -3.59 -4.49 7.95
C ARG D 46 -4.61 -3.66 8.70
N PHE D 47 -5.08 -2.55 8.11
CA PHE D 47 -6.04 -1.68 8.81
C PHE D 47 -7.52 -2.14 8.69
N GLU D 48 -7.86 -2.76 7.57
CA GLU D 48 -9.15 -3.41 7.44
C GLU D 48 -9.30 -4.48 8.52
N ARG D 49 -8.20 -5.22 8.76
CA ARG D 49 -8.16 -6.21 9.81
C ARG D 49 -8.50 -5.60 11.17
N THR D 50 -7.91 -4.46 11.49
CA THR D 50 -8.20 -3.84 12.78
C THR D 50 -9.66 -3.38 12.87
N THR D 51 -10.24 -2.95 11.76
CA THR D 51 -11.66 -2.63 11.76
C THR D 51 -12.50 -3.85 12.09
N LEU D 52 -12.19 -4.98 11.46
CA LEU D 52 -12.88 -6.24 11.79
C LEU D 52 -12.75 -6.70 13.23
N ILE D 53 -11.56 -6.50 13.79
CA ILE D 53 -11.37 -6.76 15.20
C ILE D 53 -12.31 -5.91 16.03
N LYS D 54 -12.41 -4.63 15.70
CA LYS D 54 -13.32 -3.76 16.46
C LYS D 54 -14.78 -4.27 16.42
N PHE D 55 -15.22 -4.66 15.23
CA PHE D 55 -16.54 -5.22 15.10
C PHE D 55 -16.65 -6.50 15.92
N VAL D 56 -15.69 -7.41 15.79
CA VAL D 56 -15.85 -8.71 16.39
C VAL D 56 -15.88 -8.61 17.93
N LYS D 57 -15.12 -7.67 18.46
CA LYS D 57 -15.15 -7.37 19.88
C LYS D 57 -16.54 -6.96 20.34
N LYS D 58 -17.21 -6.14 19.54
CA LYS D 58 -18.56 -5.70 19.86
C LYS D 58 -19.50 -6.89 19.90
N LEU D 59 -19.44 -7.75 18.89
CA LEU D 59 -20.30 -8.93 18.85
C LEU D 59 -20.04 -9.85 20.03
N ARG D 60 -18.76 -10.06 20.31
CA ARG D 60 -18.34 -10.86 21.46
C ARG D 60 -18.92 -10.34 22.79
N PHE D 61 -18.94 -9.01 22.94
CA PHE D 61 -19.48 -8.38 24.12
C PHE D 61 -21.00 -8.60 24.24
N TYR D 62 -21.71 -8.42 23.13
CA TYR D 62 -23.14 -8.70 23.11
C TYR D 62 -23.43 -10.15 23.44
N ASN D 63 -22.58 -11.03 22.95
CA ASN D 63 -22.72 -12.44 23.26
C ASN D 63 -22.50 -12.73 24.77
N ASP D 64 -21.46 -12.16 25.39
CA ASP D 64 -21.23 -12.40 26.84
C ASP D 64 -22.40 -11.80 27.63
N SER D 65 -22.83 -10.62 27.22
CA SER D 65 -23.96 -10.00 27.85
C SER D 65 -25.18 -10.94 27.82
N VAL D 66 -25.55 -11.40 26.63
CA VAL D 66 -26.70 -12.30 26.48
C VAL D 66 -26.54 -13.63 27.26
N LEU D 67 -25.39 -14.28 27.14
CA LEU D 67 -25.13 -15.53 27.88
C LEU D 67 -25.15 -15.36 29.41
N SER D 68 -24.70 -14.23 29.93
CA SER D 68 -24.77 -13.94 31.37
C SER D 68 -26.12 -13.49 31.91
N TYR D 69 -27.04 -13.10 31.03
CA TYR D 69 -28.35 -12.63 31.45
C TYR D 69 -29.16 -13.77 32.03
N ASN D 70 -29.48 -13.67 33.33
CA ASN D 70 -30.40 -14.57 34.01
C ASN D 70 -31.79 -13.96 33.95
N ALA D 71 -32.64 -14.49 33.09
CA ALA D 71 -33.97 -13.92 32.83
C ALA D 71 -34.86 -13.84 34.08
N SER D 72 -34.86 -14.92 34.88
CA SER D 72 -35.64 -15.01 36.11
C SER D 72 -35.38 -13.88 37.11
N GLU D 73 -34.14 -13.40 37.18
CA GLU D 73 -33.78 -12.24 38.03
C GLU D 73 -34.49 -10.92 37.63
N PHE D 74 -35.16 -10.88 36.48
CA PHE D 74 -35.84 -9.66 35.98
C PHE D 74 -37.33 -9.84 35.72
N ILE D 75 -37.88 -11.00 36.10
CA ILE D 75 -39.29 -11.33 35.85
C ILE D 75 -40.04 -11.72 37.14
N ASN D 76 -41.26 -11.18 37.34
CA ASN D 76 -42.19 -11.59 38.42
C ASN D 76 -43.50 -12.19 37.86
N ALA D 86 -47.36 -8.56 39.97
CA ALA D 86 -46.72 -9.38 38.94
C ALA D 86 -46.54 -8.56 37.65
N ASP D 87 -45.51 -8.91 36.90
CA ASP D 87 -45.12 -8.13 35.72
C ASP D 87 -46.03 -8.37 34.49
N SER D 88 -46.20 -7.31 33.69
CA SER D 88 -46.81 -7.42 32.36
C SER D 88 -45.85 -8.13 31.43
N PHE D 89 -46.39 -8.94 30.52
CA PHE D 89 -45.60 -9.61 29.49
C PHE D 89 -44.88 -8.59 28.59
N ASP D 90 -45.61 -7.54 28.20
CA ASP D 90 -45.08 -6.30 27.63
C ASP D 90 -43.73 -5.91 28.24
N LYS D 91 -43.76 -5.61 29.53
CA LYS D 91 -42.60 -5.10 30.26
C LYS D 91 -41.40 -6.06 30.13
N VAL D 92 -41.67 -7.36 30.07
CA VAL D 92 -40.64 -8.40 30.09
C VAL D 92 -40.01 -8.62 28.73
N ILE D 93 -40.83 -8.65 27.67
CA ILE D 93 -40.33 -8.75 26.30
C ILE D 93 -39.60 -7.49 25.84
N LEU D 94 -40.05 -6.30 26.26
CA LEU D 94 -39.47 -5.05 25.81
C LEU D 94 -37.92 -5.00 25.79
N PRO D 95 -37.24 -5.29 26.92
CA PRO D 95 -35.77 -5.22 26.86
C PRO D 95 -35.15 -6.33 26.04
N ILE D 96 -35.84 -7.45 25.84
CA ILE D 96 -35.34 -8.51 24.95
C ILE D 96 -35.39 -8.02 23.50
N ALA D 97 -36.54 -7.52 23.10
CA ALA D 97 -36.72 -6.92 21.78
C ALA D 97 -35.72 -5.83 21.51
N SER D 98 -35.49 -5.02 22.53
CA SER D 98 -34.59 -3.89 22.46
C SER D 98 -33.12 -4.33 22.21
N MET D 99 -32.72 -5.43 22.86
CA MET D 99 -31.41 -6.05 22.61
C MET D 99 -31.33 -6.52 21.16
N PHE D 100 -32.39 -7.15 20.68
CA PHE D 100 -32.41 -7.62 19.30
C PHE D 100 -32.19 -6.48 18.33
N VAL D 101 -32.84 -5.35 18.60
CA VAL D 101 -32.75 -4.18 17.72
C VAL D 101 -31.34 -3.66 17.70
N LYS D 102 -30.72 -3.47 18.86
CA LYS D 102 -29.31 -3.05 18.92
C LYS D 102 -28.37 -3.97 18.15
N SER D 103 -28.64 -5.27 18.21
CA SER D 103 -27.81 -6.29 17.59
C SER D 103 -28.01 -6.27 16.10
N VAL D 104 -29.27 -6.25 15.71
CA VAL D 104 -29.61 -6.21 14.31
C VAL D 104 -29.00 -5.00 13.60
N GLU D 105 -29.06 -3.82 14.20
CA GLU D 105 -28.46 -2.63 13.58
C GLU D 105 -26.93 -2.75 13.54
N THR D 106 -26.34 -3.44 14.52
CA THR D 106 -24.90 -3.70 14.48
C THR D 106 -24.58 -4.61 13.30
N PHE D 107 -25.30 -5.71 13.17
CA PHE D 107 -25.13 -6.63 12.03
C PHE D 107 -25.30 -5.92 10.70
N ASP D 108 -26.21 -4.96 10.63
CA ASP D 108 -26.41 -4.21 9.39
C ASP D 108 -25.14 -3.48 8.97
N LEU D 109 -24.56 -2.77 9.93
CA LEU D 109 -23.30 -2.05 9.72
C LEU D 109 -22.18 -3.01 9.30
N LEU D 110 -22.08 -4.11 10.03
CA LEU D 110 -21.03 -5.10 9.81
C LEU D 110 -21.18 -5.79 8.47
N ASN D 111 -22.42 -6.18 8.13
CA ASN D 111 -22.66 -6.87 6.86
C ASN D 111 -22.28 -6.03 5.66
N TYR D 112 -22.63 -4.74 5.68
CA TYR D 112 -22.24 -3.86 4.61
C TYR D 112 -20.71 -3.81 4.47
N TYR D 113 -20.01 -3.69 5.59
CA TYR D 113 -18.56 -3.61 5.57
C TYR D 113 -18.04 -4.92 5.03
N LEU D 114 -18.41 -6.00 5.72
CA LEU D 114 -17.90 -7.34 5.42
C LEU D 114 -18.21 -7.86 4.03
N THR D 115 -19.45 -7.72 3.59
CA THR D 115 -19.92 -8.33 2.35
C THR D 115 -19.86 -7.43 1.13
N GLN D 116 -19.66 -6.13 1.32
CA GLN D 116 -19.70 -5.19 0.20
C GLN D 116 -18.39 -4.41 0.10
N SER D 117 -18.21 -3.35 0.89
CA SER D 117 -16.99 -2.54 0.87
C SER D 117 -15.72 -3.36 0.89
N LEU D 118 -15.58 -4.17 1.91
CA LEU D 118 -14.36 -4.90 2.10
C LEU D 118 -14.12 -5.91 0.98
N GLN D 119 -15.18 -6.51 0.50
CA GLN D 119 -15.07 -7.46 -0.59
C GLN D 119 -14.48 -6.77 -1.79
N LYS D 120 -15.01 -5.60 -2.13
CA LYS D 120 -14.47 -4.83 -3.25
C LYS D 120 -13.02 -4.41 -3.00
N GLU D 121 -12.74 -3.99 -1.77
CA GLU D 121 -11.41 -3.56 -1.40
C GLU D 121 -10.44 -4.71 -1.54
N ILE D 122 -10.86 -5.91 -1.12
CA ILE D 122 -9.99 -7.07 -1.18
C ILE D 122 -9.55 -7.32 -2.61
N LEU D 123 -10.50 -7.29 -3.53
CA LEU D 123 -10.20 -7.53 -4.94
C LEU D 123 -9.34 -6.41 -5.52
N SER D 124 -9.62 -5.17 -5.12
CA SER D 124 -8.84 -4.03 -5.59
C SER D 124 -7.39 -4.14 -5.18
N LYS D 125 -7.17 -4.45 -3.91
CA LYS D 125 -5.83 -4.50 -3.35
C LYS D 125 -5.04 -5.77 -3.75
N THR D 126 -5.71 -6.93 -3.81
CA THR D 126 -5.04 -8.23 -3.94
C THR D 126 -5.30 -8.98 -5.24
N LEU D 127 -6.40 -8.65 -5.92
CA LEU D 127 -7.03 -9.52 -6.96
C LEU D 127 -7.11 -11.01 -6.61
N ASN D 128 -7.15 -11.33 -5.33
CA ASN D 128 -7.04 -12.69 -4.84
C ASN D 128 -8.41 -13.07 -4.36
N GLU D 129 -9.14 -13.83 -5.18
CA GLU D 129 -10.49 -14.27 -4.78
C GLU D 129 -10.47 -15.36 -3.66
N ASP D 130 -9.30 -15.96 -3.39
CA ASP D 130 -9.18 -16.84 -2.23
C ASP D 130 -9.51 -16.11 -0.92
N LEU D 131 -9.30 -14.80 -0.84
CA LEU D 131 -9.67 -14.01 0.38
C LEU D 131 -11.12 -13.49 0.50
N THR D 132 -11.88 -13.63 -0.57
CA THR D 132 -13.26 -13.15 -0.60
C THR D 132 -14.18 -14.19 0.02
N LEU D 133 -15.37 -13.75 0.39
CA LEU D 133 -16.46 -14.65 0.74
C LEU D 133 -17.07 -15.28 -0.49
N THR D 134 -17.75 -16.41 -0.29
CA THR D 134 -18.51 -17.03 -1.35
C THR D 134 -19.82 -16.28 -1.53
N ALA D 135 -20.34 -16.32 -2.76
CA ALA D 135 -21.65 -15.72 -3.06
C ALA D 135 -22.74 -16.31 -2.15
N GLU D 136 -22.62 -17.62 -1.90
CA GLU D 136 -23.62 -18.34 -1.12
C GLU D 136 -23.59 -17.91 0.33
N SER D 137 -22.39 -17.64 0.87
CA SER D 137 -22.28 -17.12 2.23
C SER D 137 -22.91 -15.75 2.34
N ILE D 138 -22.74 -14.93 1.31
CA ILE D 138 -23.39 -13.63 1.30
C ILE D 138 -24.92 -13.77 1.29
N LEU D 139 -25.42 -14.70 0.47
CA LEU D 139 -26.85 -14.95 0.39
C LEU D 139 -27.40 -15.32 1.75
N ALA D 140 -26.72 -16.27 2.39
CA ALA D 140 -27.07 -16.72 3.73
C ALA D 140 -27.08 -15.59 4.76
N ILE D 141 -26.03 -14.78 4.74
CA ILE D 141 -25.89 -13.62 5.63
C ILE D 141 -27.14 -12.75 5.51
N ASP D 142 -27.46 -12.36 4.29
CA ASP D 142 -28.59 -11.48 4.03
C ASP D 142 -29.94 -12.12 4.36
N ASP D 143 -30.08 -13.40 4.06
CA ASP D 143 -31.30 -14.14 4.38
C ASP D 143 -31.50 -14.23 5.91
N THR D 144 -30.44 -14.56 6.65
CA THR D 144 -30.52 -14.61 8.10
C THR D 144 -30.86 -13.23 8.66
N TYR D 145 -30.19 -12.19 8.17
CA TYR D 145 -30.46 -10.81 8.63
C TYR D 145 -31.92 -10.47 8.45
N ASN D 146 -32.41 -10.65 7.22
CA ASN D 146 -33.79 -10.33 6.88
C ASN D 146 -34.78 -10.98 7.86
N HIS D 147 -34.57 -12.27 8.14
CA HIS D 147 -35.45 -12.99 9.05
C HIS D 147 -35.31 -12.53 10.50
N PHE D 148 -34.09 -12.28 10.99
CA PHE D 148 -33.98 -11.70 12.34
C PHE D 148 -34.58 -10.29 12.42
N VAL D 149 -34.49 -9.50 11.36
CA VAL D 149 -35.17 -8.21 11.32
C VAL D 149 -36.68 -8.41 11.46
N LYS D 150 -37.22 -9.37 10.70
CA LYS D 150 -38.66 -9.60 10.67
C LYS D 150 -39.18 -10.19 11.98
N PHE D 151 -38.44 -11.17 12.52
CA PHE D 151 -38.73 -11.68 13.85
C PHE D 151 -38.73 -10.54 14.88
N SER D 152 -37.73 -9.67 14.83
CA SER D 152 -37.67 -8.53 15.75
C SER D 152 -38.91 -7.65 15.64
N GLN D 153 -39.34 -7.41 14.42
CA GLN D 153 -40.49 -6.58 14.16
C GLN D 153 -41.76 -7.28 14.65
N TRP D 154 -41.83 -8.59 14.44
CA TRP D 154 -42.95 -9.36 14.94
C TRP D 154 -43.11 -9.20 16.45
N MET D 155 -42.08 -9.50 17.22
CA MET D 155 -42.12 -9.35 18.68
C MET D 155 -42.63 -7.97 19.10
N ILE D 156 -42.15 -6.93 18.42
CA ILE D 156 -42.45 -5.56 18.82
C ILE D 156 -43.87 -5.17 18.45
N GLU D 157 -44.25 -5.38 17.18
CA GLU D 157 -45.58 -4.97 16.69
C GLU D 157 -46.72 -5.87 17.19
N SER D 158 -46.44 -7.17 17.39
CA SER D 158 -47.45 -8.10 17.91
C SER D 158 -47.96 -7.68 19.29
N LEU D 159 -47.04 -7.23 20.16
CA LEU D 159 -47.39 -6.76 21.49
C LEU D 159 -47.64 -5.25 21.56
N ARG D 160 -47.70 -4.59 20.41
CA ARG D 160 -47.84 -3.13 20.32
C ARG D 160 -46.94 -2.30 21.27
N ILE D 161 -45.67 -2.69 21.34
CA ILE D 161 -44.68 -2.07 22.24
C ILE D 161 -43.69 -1.18 21.52
N GLY D 162 -43.94 -0.97 20.23
CA GLY D 162 -43.07 -0.23 19.36
C GLY D 162 -43.16 1.26 19.57
N SER D 163 -42.18 1.95 19.01
CA SER D 163 -42.10 3.39 19.04
C SER D 163 -41.14 3.82 17.95
N ASN D 164 -40.95 5.13 17.80
CA ASN D 164 -39.95 5.68 16.87
C ASN D 164 -38.52 5.19 17.19
N LEU D 165 -38.25 4.95 18.47
CA LEU D 165 -36.92 4.59 18.93
C LEU D 165 -36.55 3.12 18.68
N LEU D 166 -37.54 2.24 18.61
CA LEU D 166 -37.35 0.82 18.31
C LEU D 166 -37.49 0.46 16.84
N ASP D 167 -37.75 1.46 16.01
CA ASP D 167 -37.82 1.24 14.56
C ASP D 167 -36.45 0.81 14.05
N LEU D 168 -36.47 -0.20 13.16
CA LEU D 168 -35.28 -0.66 12.48
C LEU D 168 -35.11 0.13 11.20
N GLU D 169 -33.90 0.59 10.92
CA GLU D 169 -33.64 1.39 9.71
C GLU D 169 -34.14 0.70 8.44
N VAL D 170 -33.88 -0.59 8.29
CA VAL D 170 -34.25 -1.28 7.07
C VAL D 170 -35.76 -1.37 6.89
N VAL D 171 -36.50 -1.47 8.01
CA VAL D 171 -37.96 -1.59 7.95
C VAL D 171 -38.57 -0.25 7.52
N GLN D 172 -38.20 0.84 8.17
CA GLN D 172 -38.61 2.19 7.73
C GLN D 172 -38.20 2.52 6.30
N PHE D 173 -37.00 2.12 5.90
CA PHE D 173 -36.58 2.35 4.50
C PHE D 173 -37.53 1.65 3.49
N ALA D 174 -37.84 0.37 3.74
CA ALA D 174 -38.81 -0.36 2.92
C ALA D 174 -40.17 0.36 2.84
N ILE D 175 -40.67 0.83 3.97
CA ILE D 175 -41.95 1.53 4.03
C ILE D 175 -41.89 2.84 3.25
N LYS D 176 -40.93 3.70 3.55
CA LYS D 176 -40.78 4.96 2.81
C LYS D 176 -40.58 4.76 1.31
N SER D 177 -39.94 3.66 0.93
CA SER D 177 -39.77 3.31 -0.48
C SER D 177 -41.07 2.89 -1.19
N ALA D 178 -41.95 2.22 -0.47
CA ALA D 178 -43.26 1.81 -1.00
C ALA D 178 -44.24 2.99 -1.15
N ASP D 179 -44.25 3.91 -0.18
CA ASP D 179 -45.00 5.19 -0.28
C ASP D 179 -44.65 5.99 -1.52
N GLU D 180 -43.36 6.19 -1.73
CA GLU D 180 -42.83 6.95 -2.89
C GLU D 180 -43.07 6.17 -4.22
N ASP D 181 -42.80 4.86 -4.24
CA ASP D 181 -43.04 4.03 -5.45
C ASP D 181 -44.52 3.61 -5.70
N GLY D 182 -45.33 3.48 -4.64
CA GLY D 182 -46.77 3.15 -4.70
C GLY D 182 -47.10 1.68 -4.76
N ASP D 189 -43.11 -10.73 -3.16
CA ASP D 189 -43.53 -9.60 -2.35
C ASP D 189 -42.55 -9.40 -1.19
N ASN D 190 -42.49 -8.15 -0.72
CA ASN D 190 -41.46 -7.71 0.23
C ASN D 190 -41.76 -8.04 1.70
N ILE D 191 -40.90 -8.88 2.26
CA ILE D 191 -40.98 -9.34 3.66
C ILE D 191 -41.19 -8.19 4.68
N PHE D 192 -40.54 -7.05 4.49
CA PHE D 192 -40.57 -6.00 5.50
C PHE D 192 -41.91 -5.25 5.52
N LEU D 193 -42.59 -5.20 4.38
CA LEU D 193 -43.85 -4.47 4.26
C LEU D 193 -45.09 -5.25 4.72
N GLN D 194 -44.96 -6.55 4.92
CA GLN D 194 -46.10 -7.38 5.33
C GLN D 194 -46.52 -7.09 6.75
N GLU D 195 -47.81 -7.23 7.01
CA GLU D 195 -48.40 -6.75 8.26
C GLU D 195 -48.23 -7.74 9.39
N ILE D 196 -47.92 -7.20 10.56
CA ILE D 196 -47.84 -7.99 11.78
C ILE D 196 -49.23 -8.02 12.39
N LEU D 197 -49.73 -9.22 12.63
CA LEU D 197 -51.00 -9.43 13.32
C LEU D 197 -50.75 -9.26 14.82
N PRO D 198 -51.66 -8.55 15.53
CA PRO D 198 -51.50 -8.46 16.99
C PRO D 198 -51.75 -9.80 17.65
N VAL D 199 -51.13 -10.04 18.83
CA VAL D 199 -51.41 -11.24 19.61
C VAL D 199 -52.14 -10.78 20.87
N ASN D 200 -52.97 -11.68 21.41
CA ASN D 200 -53.83 -11.35 22.55
C ASN D 200 -53.54 -12.15 23.82
N SER D 201 -52.96 -13.34 23.69
CA SER D 201 -52.50 -14.11 24.85
C SER D 201 -51.01 -14.40 24.79
N GLU D 202 -50.46 -14.80 25.93
CA GLU D 202 -49.08 -15.25 25.98
C GLU D 202 -48.94 -16.64 25.39
N GLU D 203 -49.97 -17.48 25.57
CA GLU D 203 -50.04 -18.79 24.92
C GLU D 203 -49.89 -18.67 23.39
N GLU D 204 -50.51 -17.64 22.80
CA GLU D 204 -50.38 -17.37 21.36
C GLU D 204 -48.97 -16.90 20.96
N PHE D 205 -48.39 -15.98 21.75
CA PHE D 205 -47.02 -15.50 21.52
C PHE D 205 -46.05 -16.67 21.53
N GLN D 206 -46.14 -17.50 22.58
CA GLN D 206 -45.32 -18.72 22.75
C GLN D 206 -45.38 -19.65 21.55
N THR D 207 -46.59 -19.86 21.02
CA THR D 207 -46.79 -20.75 19.90
C THR D 207 -46.06 -20.19 18.67
N LEU D 208 -46.39 -18.95 18.31
CA LEU D 208 -45.75 -18.26 17.18
C LEU D 208 -44.24 -18.09 17.37
N SER D 209 -43.83 -17.80 18.60
CA SER D 209 -42.41 -17.69 18.94
C SER D 209 -41.64 -18.98 18.60
N ALA D 210 -42.15 -20.12 19.03
CA ALA D 210 -41.50 -21.41 18.79
C ALA D 210 -41.47 -21.79 17.30
N ALA D 211 -42.46 -21.31 16.54
CA ALA D 211 -42.47 -21.48 15.08
C ALA D 211 -41.38 -20.62 14.41
N TRP D 212 -41.25 -19.37 14.88
CA TRP D 212 -40.13 -18.49 14.51
C TRP D 212 -38.79 -19.14 14.87
N HIS D 213 -38.71 -19.67 16.10
CA HIS D 213 -37.51 -20.35 16.59
C HIS D 213 -37.05 -21.44 15.63
N SER D 214 -37.99 -22.23 15.14
CA SER D 214 -37.70 -23.31 14.21
C SER D 214 -37.13 -22.75 12.91
N ILE D 215 -37.78 -21.72 12.37
CA ILE D 215 -37.34 -21.07 11.12
C ILE D 215 -35.95 -20.47 11.24
N LEU D 216 -35.72 -19.70 12.29
CA LEU D 216 -34.44 -19.03 12.51
C LEU D 216 -33.32 -20.02 12.73
N ASP D 217 -33.57 -21.11 13.48
CA ASP D 217 -32.56 -22.18 13.61
C ASP D 217 -32.19 -22.77 12.28
N GLY D 218 -33.19 -22.91 11.41
CA GLY D 218 -32.97 -23.36 10.03
C GLY D 218 -32.04 -22.46 9.25
N LYS D 219 -32.23 -21.15 9.40
CA LYS D 219 -31.39 -20.16 8.74
C LYS D 219 -29.97 -20.17 9.31
N LEU D 220 -29.85 -20.29 10.63
CA LEU D 220 -28.52 -20.29 11.27
C LEU D 220 -27.69 -21.52 10.94
N SER D 221 -28.34 -22.65 10.70
CA SER D 221 -27.63 -23.86 10.26
C SER D 221 -27.11 -23.75 8.82
N ALA D 222 -27.94 -23.20 7.93
CA ALA D 222 -27.51 -22.85 6.59
C ALA D 222 -26.32 -21.87 6.64
N LEU D 223 -26.39 -20.88 7.53
CA LEU D 223 -25.33 -19.88 7.73
C LEU D 223 -24.05 -20.55 8.18
N ASP D 224 -24.16 -21.36 9.23
CA ASP D 224 -23.03 -22.17 9.71
C ASP D 224 -22.42 -23.02 8.61
N GLU D 225 -23.27 -23.69 7.82
CA GLU D 225 -22.82 -24.51 6.68
C GLU D 225 -21.94 -23.68 5.73
N GLU D 226 -22.45 -22.51 5.35
CA GLU D 226 -21.74 -21.62 4.45
C GLU D 226 -20.48 -20.99 5.05
N PHE D 227 -20.51 -20.65 6.33
CA PHE D 227 -19.28 -20.22 7.02
C PHE D 227 -18.23 -21.34 7.10
N ASP D 228 -18.68 -22.59 7.20
CA ASP D 228 -17.76 -23.72 7.13
C ASP D 228 -17.08 -23.79 5.79
N VAL D 229 -17.88 -23.65 4.72
CA VAL D 229 -17.38 -23.75 3.37
C VAL D 229 -16.31 -22.69 3.16
N VAL D 230 -16.59 -21.44 3.54
CA VAL D 230 -15.59 -20.39 3.36
C VAL D 230 -14.37 -20.59 4.22
N ALA D 231 -14.56 -21.05 5.46
CA ALA D 231 -13.44 -21.27 6.33
C ALA D 231 -12.54 -22.38 5.81
N THR D 232 -13.16 -23.37 5.14
CA THR D 232 -12.42 -24.48 4.58
C THR D 232 -11.60 -23.98 3.43
N LYS D 233 -12.22 -23.19 2.55
CA LYS D 233 -11.50 -22.54 1.45
C LYS D 233 -10.27 -21.78 1.99
N TRP D 234 -10.48 -20.94 3.02
CA TRP D 234 -9.36 -20.14 3.59
C TRP D 234 -8.28 -21.04 4.17
N HIS D 235 -8.69 -22.15 4.77
CA HIS D 235 -7.74 -23.14 5.26
C HIS D 235 -6.93 -23.78 4.12
N ASP D 236 -7.62 -24.25 3.07
CA ASP D 236 -6.94 -24.96 1.99
C ASP D 236 -6.03 -24.03 1.19
N LYS D 237 -6.52 -22.83 0.90
CA LYS D 237 -5.82 -21.92 0.01
C LYS D 237 -4.72 -21.12 0.73
N PHE D 238 -4.80 -20.94 2.06
CA PHE D 238 -3.66 -20.38 2.88
C PHE D 238 -3.19 -21.39 3.88
N GLY D 239 -4.07 -21.71 4.82
CA GLY D 239 -3.75 -22.66 5.92
C GLY D 239 -2.68 -22.33 6.95
N LYS D 240 -2.36 -23.34 7.79
CA LYS D 240 -1.46 -23.26 8.94
C LYS D 240 -0.23 -24.12 8.69
N ASN E 261 27.36 -16.40 3.13
CA ASN E 261 26.72 -17.74 2.95
C ASN E 261 25.98 -17.74 1.59
N ASN E 262 24.79 -18.35 1.53
CA ASN E 262 23.94 -18.26 0.36
C ASN E 262 23.11 -16.97 0.22
N LYS E 263 23.16 -16.08 1.23
CA LYS E 263 22.57 -14.74 1.08
C LYS E 263 23.46 -13.87 0.18
N ARG E 264 24.78 -14.02 0.26
CA ARG E 264 25.70 -13.35 -0.67
C ARG E 264 25.51 -13.86 -2.12
N ARG E 265 25.37 -15.16 -2.28
CA ARG E 265 25.17 -15.79 -3.58
C ARG E 265 23.77 -15.50 -4.17
N SER E 266 22.78 -15.20 -3.31
CA SER E 266 21.41 -14.89 -3.79
C SER E 266 21.27 -13.53 -4.49
N PHE E 267 22.26 -12.65 -4.37
CA PHE E 267 22.28 -11.41 -5.15
C PHE E 267 22.72 -11.62 -6.60
N TYR E 268 23.35 -12.77 -6.85
CA TYR E 268 23.88 -13.10 -8.17
C TYR E 268 23.04 -14.10 -8.98
N THR E 269 22.07 -14.77 -8.36
CA THR E 269 21.22 -15.75 -9.04
C THR E 269 20.07 -16.18 -8.14
N ALA E 270 19.00 -16.67 -8.77
CA ALA E 270 17.82 -17.14 -8.06
C ALA E 270 17.69 -18.66 -8.08
N SER E 271 18.82 -19.36 -8.09
CA SER E 271 18.85 -20.79 -8.44
C SER E 271 19.86 -21.65 -7.63
N PRO E 272 19.56 -22.96 -7.46
CA PRO E 272 20.61 -23.96 -7.13
C PRO E 272 21.70 -24.15 -8.23
N LEU E 273 21.29 -24.43 -9.47
CA LEU E 273 22.14 -24.56 -10.71
C LEU E 273 23.69 -24.81 -10.58
N LEU E 274 24.53 -23.76 -10.53
CA LEU E 274 26.01 -23.92 -10.66
C LEU E 274 26.70 -24.49 -9.41
N VAL E 286 32.11 -28.70 -23.76
CA VAL E 286 30.70 -28.36 -23.89
C VAL E 286 30.48 -26.90 -24.44
N LEU E 287 31.19 -25.90 -23.92
CA LEU E 287 30.99 -24.48 -24.35
C LEU E 287 32.15 -23.96 -25.20
N PRO E 288 31.85 -23.19 -26.26
CA PRO E 288 32.91 -22.70 -27.16
C PRO E 288 33.99 -21.83 -26.49
N GLY E 289 35.23 -22.01 -26.91
CA GLY E 289 36.37 -21.25 -26.43
C GLY E 289 36.67 -21.45 -24.96
N VAL E 290 36.30 -22.62 -24.41
CA VAL E 290 36.29 -22.87 -22.96
C VAL E 290 36.88 -24.24 -22.54
N LYS E 291 37.87 -24.29 -21.64
CA LYS E 291 38.52 -25.58 -21.27
C LYS E 291 38.60 -25.95 -19.77
N ARG E 292 37.42 -26.19 -19.18
CA ARG E 292 37.25 -26.66 -17.78
C ARG E 292 38.37 -26.34 -16.79
N ASN F 261 -32.22 4.65 -6.84
CA ASN F 261 -32.36 3.43 -7.69
C ASN F 261 -31.91 2.19 -6.87
N ASN F 262 -31.17 1.22 -7.46
CA ASN F 262 -30.56 0.09 -6.70
C ASN F 262 -29.27 0.46 -5.91
N LYS F 263 -28.72 1.68 -6.07
CA LYS F 263 -27.61 2.16 -5.20
C LYS F 263 -28.13 2.52 -3.79
N ARG F 264 -29.34 3.07 -3.69
CA ARG F 264 -29.99 3.28 -2.39
C ARG F 264 -30.30 1.95 -1.69
N ARG F 265 -30.82 1.00 -2.46
CA ARG F 265 -31.16 -0.32 -1.93
C ARG F 265 -29.92 -1.14 -1.57
N SER F 266 -28.78 -0.87 -2.19
CA SER F 266 -27.53 -1.63 -1.91
C SER F 266 -26.91 -1.35 -0.52
N PHE F 267 -27.33 -0.28 0.15
CA PHE F 267 -26.89 -0.01 1.53
C PHE F 267 -27.63 -0.89 2.54
N TYR F 268 -28.77 -1.45 2.09
CA TYR F 268 -29.62 -2.29 2.94
C TYR F 268 -29.51 -3.81 2.73
N THR F 269 -28.89 -4.24 1.64
CA THR F 269 -28.69 -5.67 1.36
C THR F 269 -27.71 -5.85 0.19
N ALA F 270 -27.09 -7.02 0.12
CA ALA F 270 -26.17 -7.36 -0.96
C ALA F 270 -26.79 -8.38 -1.94
N SER F 271 -28.12 -8.30 -2.16
CA SER F 271 -28.88 -9.40 -2.79
C SER F 271 -30.03 -8.95 -3.74
N PRO F 272 -30.37 -9.80 -4.74
CA PRO F 272 -31.69 -9.74 -5.41
C PRO F 272 -32.85 -10.16 -4.49
N LEU F 287 -45.08 -16.89 6.89
CA LEU F 287 -44.33 -16.55 8.10
C LEU F 287 -45.25 -16.35 9.30
N PRO F 288 -44.86 -16.86 10.49
CA PRO F 288 -45.71 -16.71 11.69
C PRO F 288 -46.05 -15.27 12.10
N GLY F 289 -47.30 -15.07 12.51
CA GLY F 289 -47.80 -13.78 12.98
C GLY F 289 -47.84 -12.69 11.93
N VAL F 290 -47.95 -13.07 10.65
CA VAL F 290 -47.72 -12.17 9.52
C VAL F 290 -48.84 -12.29 8.48
N ASN G 262 -3.21 -2.15 26.90
CA ASN G 262 -2.75 -0.91 26.19
C ASN G 262 -2.71 -1.02 24.64
N LYS G 263 -2.52 -2.24 24.14
CA LYS G 263 -2.84 -2.58 22.74
C LYS G 263 -4.31 -3.03 22.66
N ARG G 264 -4.85 -3.60 23.74
CA ARG G 264 -6.30 -3.88 23.88
C ARG G 264 -7.15 -2.61 24.17
N ARG G 265 -6.56 -1.62 24.87
CA ARG G 265 -7.23 -0.34 25.29
C ARG G 265 -7.44 0.70 24.14
N SER G 266 -6.66 0.56 23.07
CA SER G 266 -6.74 1.45 21.90
C SER G 266 -7.89 1.13 20.94
N PHE G 267 -8.58 -0.01 21.13
CA PHE G 267 -9.88 -0.30 20.47
C PHE G 267 -11.09 0.44 21.10
N TYR G 268 -10.89 1.04 22.29
CA TYR G 268 -11.95 1.77 23.03
C TYR G 268 -11.81 3.34 23.11
N THR G 269 -10.69 3.90 22.64
CA THR G 269 -10.45 5.36 22.57
C THR G 269 -9.15 5.62 21.79
N ALA G 270 -9.14 6.63 20.93
CA ALA G 270 -7.92 7.00 20.19
C ALA G 270 -7.11 8.13 20.91
N SER G 271 -7.06 8.08 22.24
CA SER G 271 -6.48 9.14 23.09
C SER G 271 -5.55 8.52 24.18
N PRO G 272 -4.23 8.85 24.14
CA PRO G 272 -3.27 8.33 25.14
C PRO G 272 -3.14 9.22 26.38
N SER G 284 -10.73 17.80 35.44
CA SER G 284 -11.14 16.69 36.29
C SER G 284 -12.42 17.08 37.06
N PRO G 285 -13.49 17.42 36.33
CA PRO G 285 -14.65 18.03 36.98
C PRO G 285 -15.52 17.01 37.72
N VAL G 286 -16.37 17.49 38.63
CA VAL G 286 -17.39 16.62 39.20
C VAL G 286 -18.36 16.42 38.08
N LEU G 287 -18.90 15.23 38.06
CA LEU G 287 -19.95 14.84 37.18
C LEU G 287 -21.15 14.56 38.08
N PRO G 288 -22.34 15.09 37.74
CA PRO G 288 -23.55 14.90 38.56
C PRO G 288 -23.90 13.44 38.91
N GLY G 289 -24.13 13.18 40.19
CA GLY G 289 -24.47 11.84 40.68
C GLY G 289 -23.39 10.80 40.51
N VAL G 290 -22.14 11.22 40.58
CA VAL G 290 -21.01 10.30 40.46
C VAL G 290 -20.05 10.60 41.60
N LYS G 291 -19.94 9.66 42.54
CA LYS G 291 -19.15 9.88 43.75
C LYS G 291 -17.69 9.85 43.32
N ARG G 292 -16.94 10.82 43.82
CA ARG G 292 -15.78 11.32 43.10
C ARG G 292 -14.58 10.38 43.16
N THR G 293 -14.16 10.01 44.36
CA THR G 293 -13.18 8.92 44.56
C THR G 293 -13.94 7.59 44.70
N ALA G 294 -13.98 6.83 43.62
CA ALA G 294 -14.59 5.49 43.62
C ALA G 294 -14.17 4.68 42.38
N ARG H 265 6.22 14.99 -13.27
CA ARG H 265 5.71 13.66 -13.74
C ARG H 265 6.73 12.97 -14.69
N SER H 266 7.89 12.56 -14.13
CA SER H 266 9.07 12.15 -14.94
C SER H 266 9.92 10.91 -14.52
N PHE H 267 10.23 10.06 -15.52
CA PHE H 267 11.19 8.96 -15.37
C PHE H 267 12.66 9.38 -15.41
N TYR H 268 12.92 10.58 -15.92
CA TYR H 268 14.30 11.06 -16.18
C TYR H 268 14.94 11.91 -15.09
N THR H 269 14.09 12.46 -14.20
CA THR H 269 14.47 13.34 -13.07
C THR H 269 13.31 13.60 -12.07
N ALA H 270 13.65 13.73 -10.78
CA ALA H 270 12.71 14.06 -9.70
C ALA H 270 12.66 15.57 -9.45
N SER H 271 13.51 16.33 -10.14
CA SER H 271 13.55 17.79 -10.07
C SER H 271 13.28 18.42 -11.46
N PRO H 272 11.97 18.52 -11.88
CA PRO H 272 11.59 19.10 -13.18
C PRO H 272 12.24 20.45 -13.60
N LEU H 273 12.41 21.38 -12.66
CA LEU H 273 12.96 22.73 -12.93
C LEU H 273 14.47 22.86 -12.59
N LEU H 274 15.34 22.41 -13.50
CA LEU H 274 16.81 22.57 -13.35
C LEU H 274 17.51 22.94 -14.68
N PRO H 285 25.38 31.02 -16.17
CA PRO H 285 25.94 29.72 -15.78
C PRO H 285 26.43 28.95 -17.02
N VAL H 286 27.75 28.94 -17.26
CA VAL H 286 28.32 28.53 -18.58
C VAL H 286 29.31 27.32 -18.53
N LEU H 287 29.08 26.37 -19.43
CA LEU H 287 29.70 25.05 -19.36
C LEU H 287 30.86 24.86 -20.35
N PRO H 288 32.02 24.36 -19.86
CA PRO H 288 33.17 24.14 -20.73
C PRO H 288 32.90 23.30 -21.98
N GLY H 289 33.21 23.86 -23.14
CA GLY H 289 33.09 23.14 -24.40
C GLY H 289 31.66 23.02 -24.88
N VAL H 290 30.76 23.83 -24.34
CA VAL H 290 29.36 23.81 -24.75
C VAL H 290 28.93 25.21 -25.18
N LYS H 291 28.21 25.31 -26.30
CA LYS H 291 27.52 26.57 -26.68
C LYS H 291 26.29 26.74 -25.78
N ARG H 292 25.54 27.83 -25.95
CA ARG H 292 24.22 27.93 -25.30
C ARG H 292 23.08 27.51 -26.25
N THR H 293 23.44 26.82 -27.35
CA THR H 293 22.63 26.72 -28.57
C THR H 293 22.30 25.27 -28.92
N ALA H 294 21.04 24.99 -29.27
CA ALA H 294 20.64 23.62 -29.68
C ALA H 294 21.01 23.33 -31.14
MG MG K . 10.28 -4.31 -3.46
MG MG L . 9.05 0.06 -4.35
MG MG M . -10.10 0.83 6.22
MG MG N . -12.85 -0.39 3.12
#